data_6JWV
#
_entry.id   6JWV
#
_cell.length_a   98.891
_cell.length_b   136.715
_cell.length_c   138.698
_cell.angle_alpha   90.000
_cell.angle_beta   90.000
_cell.angle_gamma   90.000
#
_symmetry.space_group_name_H-M   'P 21 21 21'
#
loop_
_entity.id
_entity.type
_entity.pdbx_description
1 polymer '7,8-dihydro-6-hydroxymethylpterin pyrophosphokinase-dihydropteroate synthase'
2 non-polymer 4-{[(2-amino-4-oxo-3,4,7,8-tetrahydropteridin-6-yl)methyl]amino}-N-(1,3-thiazol-2-yl)benzenesulfonamide
3 non-polymer 2-AMINO-6-HYDROXYMETHYL-7,8-DIHYDRO-3H-PTERIDIN-4-ONE
4 non-polymer GLYCEROL
5 non-polymer "ADENOSINE-5'-TRIPHOSPHATE"
6 non-polymer 'MAGNESIUM ION'
7 non-polymer 'CALCIUM ION'
8 non-polymer 'ACETATE ION'
9 water water
#
_entity_poly.entity_id   1
_entity_poly.type   'polypeptide(L)'
_entity_poly.pdbx_seq_one_letter_code
;METIQELILSEENKTNIAVLNLGTNDRRNAVLILETALHLVEKYLGKIINTSYLYETVPEYIVLDKKESCEKINKDCRIY
DVNYINELMQNLEESKYEENKELIDKCEEYETFLKNGKVDNSILKEVNVENYLLECNNIIVKNDEIMKNNLSKYKDKYYT
SYFYNLTVVVKTFVNDPLSMLVVIKYIEELMKRENVKEKEKFENRIIDIDILFFNDFTIFMKNIKLEKNMIYKILSKYIH
LERDIKNGNDNMSKVNMDKDINLNNNNNIKKKNNNDIDCDCVDQKMNNHVNNKNYINSFRDPQEIINNMVDNIEFLSIPH
VYTTHRYSILLCLNDMIPEYKHNVLNNTIRCLYNKYVSRMKEQYNINIKENNKRIYVLKDRISYLKEKTNIVGILNVNYD
SFSDGGIFVEPKRAVQRMFEMINEGASVIDIGGESSGPFVIPNPKISERDLVVPVLQLFQKEWNDIKNKIVKCDAKPIIS
IDTINYNVFKECVDNDLVDILNDISACTNNPEIIKLLKKKNKFYSVVLMHKRGNPHTMDKLTNYDNLVYDIKNYLEQRLN
FLVLNGIPRYRILFDIGLGFAKKHDQSIKLLQNIHVYDEYPLFIGYSRKRFIAHCMNDQNVVINTQQKLHDEQQNENKNI
VDKSHNWMFQMNYMRKDKDQLLYQKNICGGLAIASYSYYKKVDLIRVHDVLETKSVLDVLTKIDQVKDPNSSSVDKLAAA
LEHHHHHH
;
_entity_poly.pdbx_strand_id   A,B
#
loop_
_chem_comp.id
_chem_comp.type
_chem_comp.name
_chem_comp.formula
ACT non-polymer 'ACETATE ION' 'C2 H3 O2 -1'
ATP non-polymer ADENOSINE-5'-TRIPHOSPHATE 'C10 H16 N5 O13 P3'
CA non-polymer 'CALCIUM ION' 'Ca 2'
GOL non-polymer GLYCEROL 'C3 H8 O3'
MG non-polymer 'MAGNESIUM ION' 'Mg 2'
PH2 non-polymer 2-AMINO-6-HYDROXYMETHYL-7,8-DIHYDRO-3H-PTERIDIN-4-ONE 'C7 H9 N5 O2'
XTZ non-polymer 4-{[(2-amino-4-oxo-3,4,7,8-tetrahydropteridin-6-yl)methyl]amino}-N-(1,3-thiazol-2-yl)benzenesulfonamide 'C16 H16 N8 O3 S2'
#
# COMPACT_ATOMS: atom_id res chain seq x y z
N GLN A 5 -56.97 -10.22 -38.15
CA GLN A 5 -57.00 -10.22 -36.65
C GLN A 5 -55.64 -10.58 -36.06
N GLU A 6 -55.28 -9.85 -35.00
CA GLU A 6 -54.03 -10.05 -34.26
C GLU A 6 -54.32 -10.23 -32.77
N LEU A 7 -53.87 -11.37 -32.23
CA LEU A 7 -53.87 -11.61 -30.78
C LEU A 7 -52.58 -11.06 -30.11
N ILE A 8 -51.82 -10.27 -30.89
CA ILE A 8 -50.69 -9.49 -30.40
C ILE A 8 -51.20 -8.23 -29.67
N LEU A 9 -52.42 -7.80 -30.00
CA LEU A 9 -53.06 -6.64 -29.39
C LEU A 9 -54.09 -7.00 -28.32
N SER A 10 -54.22 -8.30 -28.03
CA SER A 10 -55.20 -8.84 -27.08
C SER A 10 -55.23 -8.08 -25.75
N GLU A 11 -56.43 -7.64 -25.38
CA GLU A 11 -56.65 -6.73 -24.23
C GLU A 11 -56.28 -7.31 -22.85
N GLU A 12 -55.93 -8.60 -22.80
CA GLU A 12 -55.48 -9.30 -21.58
C GLU A 12 -54.26 -8.62 -20.93
N ASN A 13 -54.53 -7.91 -19.82
CA ASN A 13 -53.50 -7.16 -19.10
C ASN A 13 -52.49 -8.08 -18.40
N LYS A 14 -51.27 -8.05 -18.89
CA LYS A 14 -50.23 -8.99 -18.50
C LYS A 14 -49.06 -8.30 -17.82
N THR A 15 -48.27 -9.09 -17.07
CA THR A 15 -47.09 -8.61 -16.39
C THR A 15 -45.94 -9.55 -16.73
N ASN A 16 -45.01 -9.04 -17.53
CA ASN A 16 -43.82 -9.79 -17.97
C ASN A 16 -42.55 -9.14 -17.47
N ILE A 17 -41.49 -9.95 -17.33
CA ILE A 17 -40.16 -9.48 -16.96
C ILE A 17 -39.29 -9.40 -18.20
N ALA A 18 -38.68 -8.24 -18.41
CA ALA A 18 -37.79 -8.07 -19.53
C ALA A 18 -36.44 -7.57 -19.08
N VAL A 19 -35.39 -8.03 -19.74
CA VAL A 19 -34.01 -7.63 -19.45
C VAL A 19 -33.49 -6.89 -20.69
N LEU A 20 -33.03 -5.66 -20.49
CA LEU A 20 -32.60 -4.79 -21.58
C LEU A 20 -31.13 -4.40 -21.50
N ASN A 21 -30.49 -4.25 -22.66
CA ASN A 21 -29.15 -3.69 -22.72
C ASN A 21 -29.22 -2.29 -23.33
N LEU A 22 -28.54 -1.33 -22.68
CA LEU A 22 -28.47 0.05 -23.18
C LEU A 22 -27.01 0.40 -23.53
N GLY A 23 -26.83 1.09 -24.65
CA GLY A 23 -25.50 1.46 -25.12
C GLY A 23 -25.44 2.83 -25.78
N THR A 24 -24.32 3.52 -25.56
CA THR A 24 -24.00 4.75 -26.28
C THR A 24 -22.49 4.87 -26.48
N ASN A 25 -22.08 5.75 -27.41
CA ASN A 25 -20.65 6.03 -27.66
C ASN A 25 -20.21 7.40 -27.18
N ASP A 26 -21.16 8.22 -26.76
CA ASP A 26 -20.88 9.58 -26.36
C ASP A 26 -20.42 9.61 -24.90
N ARG A 27 -19.11 9.66 -24.71
CA ARG A 27 -18.49 9.71 -23.38
C ARG A 27 -19.01 10.88 -22.54
N ARG A 28 -19.00 12.08 -23.11
CA ARG A 28 -19.36 13.29 -22.37
C ARG A 28 -20.85 13.32 -22.02
N ASN A 29 -21.68 12.74 -22.87
CA ASN A 29 -23.13 12.79 -22.64
C ASN A 29 -23.77 11.46 -22.22
N ALA A 30 -22.91 10.48 -21.91
CA ALA A 30 -23.31 9.11 -21.53
C ALA A 30 -24.41 9.04 -20.49
N VAL A 31 -24.22 9.76 -19.38
CA VAL A 31 -25.16 9.83 -18.26
C VAL A 31 -26.49 10.44 -18.70
N LEU A 32 -26.45 11.53 -19.47
CA LEU A 32 -27.67 12.21 -19.87
C LEU A 32 -28.44 11.36 -20.88
N ILE A 33 -27.69 10.70 -21.77
CA ILE A 33 -28.30 9.86 -22.79
C ILE A 33 -28.89 8.60 -22.20
N LEU A 34 -28.12 7.90 -21.36
CA LEU A 34 -28.61 6.65 -20.79
C LEU A 34 -29.75 6.87 -19.78
N GLU A 35 -29.69 7.95 -19.02
CA GLU A 35 -30.75 8.23 -18.03
C GLU A 35 -32.04 8.69 -18.69
N THR A 36 -31.90 9.31 -19.87
CA THR A 36 -33.03 9.65 -20.76
C THR A 36 -33.67 8.35 -21.31
N ALA A 37 -32.85 7.42 -21.79
CA ALA A 37 -33.35 6.07 -22.10
C ALA A 37 -34.07 5.45 -20.89
N LEU A 38 -33.46 5.55 -19.71
CA LEU A 38 -34.09 5.05 -18.50
C LEU A 38 -35.45 5.65 -18.22
N HIS A 39 -35.61 6.96 -18.46
CA HIS A 39 -36.89 7.63 -18.21
C HIS A 39 -37.94 7.09 -19.15
N LEU A 40 -37.59 7.00 -20.43
CA LEU A 40 -38.51 6.60 -21.46
C LEU A 40 -38.86 5.14 -21.32
N VAL A 41 -37.91 4.32 -20.85
CA VAL A 41 -38.21 2.93 -20.41
C VAL A 41 -39.27 2.94 -19.31
N GLU A 42 -39.00 3.70 -18.24
CA GLU A 42 -39.88 3.80 -17.07
C GLU A 42 -41.27 4.37 -17.46
N LYS A 43 -41.29 5.19 -18.50
CA LYS A 43 -42.50 5.89 -18.92
C LYS A 43 -43.35 5.03 -19.87
N TYR A 44 -42.69 4.44 -20.88
CA TYR A 44 -43.37 3.72 -21.95
C TYR A 44 -43.45 2.21 -21.83
N LEU A 45 -42.70 1.60 -20.91
CA LEU A 45 -42.58 0.13 -20.91
C LEU A 45 -42.97 -0.58 -19.62
N GLY A 46 -42.89 0.10 -18.48
CA GLY A 46 -43.16 -0.55 -17.19
C GLY A 46 -42.35 0.05 -16.05
N LYS A 47 -41.93 -0.82 -15.13
CA LYS A 47 -41.23 -0.41 -13.93
C LYS A 47 -39.79 -0.94 -13.92
N ILE A 48 -38.83 -0.05 -13.70
CA ILE A 48 -37.43 -0.45 -13.56
C ILE A 48 -37.24 -1.05 -12.16
N ILE A 49 -36.87 -2.34 -12.12
CA ILE A 49 -36.70 -3.07 -10.85
C ILE A 49 -35.29 -3.60 -10.64
N ASN A 50 -34.39 -3.36 -11.59
CA ASN A 50 -32.95 -3.62 -11.40
C ASN A 50 -32.16 -2.87 -12.46
N THR A 51 -30.93 -2.49 -12.12
CA THR A 51 -29.97 -1.91 -13.05
C THR A 51 -28.57 -2.42 -12.72
N SER A 52 -27.70 -2.49 -13.73
CA SER A 52 -26.30 -2.82 -13.49
C SER A 52 -25.56 -1.54 -13.17
N TYR A 53 -24.25 -1.66 -12.98
CA TYR A 53 -23.40 -0.49 -13.02
C TYR A 53 -23.35 0.02 -14.45
N LEU A 54 -22.88 1.25 -14.57
CA LEU A 54 -22.49 1.83 -15.83
C LEU A 54 -21.06 1.34 -16.12
N TYR A 55 -20.81 0.92 -17.36
CA TYR A 55 -19.44 0.50 -17.77
C TYR A 55 -18.90 1.21 -19.03
N GLU A 56 -17.62 1.60 -18.96
CA GLU A 56 -16.84 1.97 -20.14
C GLU A 56 -16.27 0.69 -20.71
N THR A 57 -16.72 0.34 -21.90
CA THR A 57 -16.42 -0.97 -22.47
C THR A 57 -15.78 -0.92 -23.87
N VAL A 58 -14.78 -1.78 -24.07
CA VAL A 58 -14.09 -1.96 -25.37
C VAL A 58 -15.09 -2.52 -26.40
N PRO A 59 -15.09 -1.97 -27.64
CA PRO A 59 -15.96 -2.42 -28.74
C PRO A 59 -15.81 -3.88 -29.08
N GLU A 60 -16.93 -4.54 -29.32
CA GLU A 60 -16.94 -5.97 -29.63
C GLU A 60 -17.73 -6.24 -30.91
N TYR A 61 -17.19 -5.71 -32.00
CA TYR A 61 -17.71 -5.97 -33.35
C TYR A 61 -17.39 -7.39 -33.83
N ILE A 62 -16.19 -7.89 -33.50
CA ILE A 62 -15.80 -9.25 -33.87
C ILE A 62 -15.70 -10.17 -32.65
N VAL A 63 -16.57 -11.18 -32.67
CA VAL A 63 -16.66 -12.25 -31.68
C VAL A 63 -16.03 -13.50 -32.31
N LEU A 64 -15.29 -14.29 -31.52
CA LEU A 64 -14.43 -15.40 -32.02
C LEU A 64 -13.24 -14.83 -32.84
N ASP A 65 -12.13 -14.54 -32.15
CA ASP A 65 -10.97 -13.91 -32.79
C ASP A 65 -9.61 -14.37 -32.21
N VAL A 82 -26.47 17.12 -27.94
CA VAL A 82 -26.59 18.54 -27.60
C VAL A 82 -27.92 18.83 -26.82
N ASN A 83 -28.62 19.93 -27.13
CA ASN A 83 -29.73 20.49 -26.33
C ASN A 83 -31.12 19.88 -26.51
N TYR A 84 -31.35 19.24 -27.67
CA TYR A 84 -32.68 18.79 -28.08
C TYR A 84 -33.32 17.78 -27.13
N ILE A 85 -32.49 16.96 -26.48
CA ILE A 85 -32.92 16.01 -25.43
C ILE A 85 -33.85 16.68 -24.40
N ASN A 86 -33.46 17.85 -23.93
CA ASN A 86 -34.20 18.61 -22.93
C ASN A 86 -35.52 19.11 -23.50
N GLU A 87 -35.50 19.45 -24.80
CA GLU A 87 -36.68 19.94 -25.52
C GLU A 87 -37.64 18.80 -25.84
N LEU A 88 -37.08 17.61 -26.11
CA LEU A 88 -37.85 16.36 -26.22
C LEU A 88 -38.62 16.02 -24.94
N MET A 89 -37.98 16.25 -23.80
CA MET A 89 -38.56 15.97 -22.48
C MET A 89 -39.79 16.81 -22.15
N GLN A 90 -39.82 18.02 -22.70
CA GLN A 90 -40.98 18.92 -22.61
C GLN A 90 -42.13 18.47 -23.54
N ASN A 91 -41.81 17.64 -24.52
CA ASN A 91 -42.71 17.31 -25.64
C ASN A 91 -42.96 15.82 -25.84
N LEU A 92 -43.31 15.13 -24.75
CA LEU A 92 -43.61 13.70 -24.81
C LEU A 92 -45.11 13.43 -24.80
N GLU A 93 -45.50 12.35 -25.49
CA GLU A 93 -46.89 11.89 -25.44
C GLU A 93 -47.10 11.03 -24.20
N GLU A 94 -48.29 11.12 -23.62
CA GLU A 94 -48.65 10.34 -22.44
C GLU A 94 -48.66 8.85 -22.71
N SER A 95 -48.22 8.07 -21.73
CA SER A 95 -48.37 6.62 -21.77
C SER A 95 -49.82 6.30 -21.43
N LYS A 96 -50.33 5.23 -22.04
CA LYS A 96 -51.68 4.77 -21.73
C LYS A 96 -51.72 4.05 -20.40
N TYR A 97 -50.54 3.73 -19.86
CA TYR A 97 -50.40 2.98 -18.60
C TYR A 97 -49.84 3.86 -17.50
N GLU A 98 -50.37 3.67 -16.29
CA GLU A 98 -50.07 4.58 -15.21
C GLU A 98 -48.68 4.39 -14.63
N GLU A 99 -48.16 5.47 -14.06
CA GLU A 99 -46.93 5.42 -13.29
C GLU A 99 -47.33 5.28 -11.84
N ASN A 100 -46.68 4.37 -11.15
CA ASN A 100 -46.93 4.20 -9.74
C ASN A 100 -45.62 4.32 -9.02
N LYS A 101 -45.46 5.41 -8.28
CA LYS A 101 -44.22 5.68 -7.59
C LYS A 101 -44.17 5.07 -6.19
N GLU A 102 -45.24 4.43 -5.73
CA GLU A 102 -45.24 3.78 -4.42
C GLU A 102 -44.08 2.80 -4.25
N LEU A 103 -43.52 2.80 -3.05
CA LEU A 103 -42.48 1.85 -2.72
C LEU A 103 -42.98 0.40 -2.77
N ILE A 104 -42.17 -0.47 -3.35
CA ILE A 104 -42.38 -1.90 -3.26
C ILE A 104 -41.23 -2.53 -2.47
N ASP A 105 -41.52 -3.65 -1.81
CA ASP A 105 -40.50 -4.39 -1.06
C ASP A 105 -40.24 -5.79 -1.62
N LYS A 106 -41.11 -6.24 -2.53
CA LYS A 106 -40.90 -7.48 -3.28
C LYS A 106 -41.58 -7.38 -4.62
N CYS A 107 -41.23 -8.30 -5.52
CA CYS A 107 -41.89 -8.45 -6.84
C CYS A 107 -41.94 -9.93 -7.21
N GLU A 108 -43.17 -10.48 -7.24
CA GLU A 108 -43.42 -11.92 -7.46
C GLU A 108 -42.95 -12.42 -8.83
N GLU A 109 -43.28 -11.63 -9.84
CA GLU A 109 -43.04 -11.94 -11.23
C GLU A 109 -41.53 -12.03 -11.48
N TYR A 110 -40.79 -11.13 -10.82
CA TYR A 110 -39.35 -11.10 -10.87
C TYR A 110 -38.72 -12.30 -10.16
N GLU A 111 -39.26 -12.65 -8.99
CA GLU A 111 -38.86 -13.88 -8.28
C GLU A 111 -39.16 -15.12 -9.10
N THR A 112 -40.27 -15.09 -9.84
CA THR A 112 -40.62 -16.16 -10.75
C THR A 112 -39.67 -16.18 -11.92
N PHE A 113 -39.31 -14.99 -12.45
CA PHE A 113 -38.34 -14.90 -13.55
C PHE A 113 -37.01 -15.54 -13.17
N LEU A 114 -36.49 -15.17 -12.01
CA LEU A 114 -35.18 -15.64 -11.52
C LEU A 114 -35.18 -17.14 -11.27
N LYS A 115 -36.26 -17.67 -10.70
CA LYS A 115 -36.44 -19.11 -10.44
C LYS A 115 -36.67 -19.94 -11.72
N ASN A 116 -37.16 -19.29 -12.77
CA ASN A 116 -37.64 -19.92 -14.03
C ASN A 116 -39.00 -20.58 -13.88
N GLY A 117 -39.81 -20.04 -12.98
CA GLY A 117 -41.06 -20.67 -12.58
C GLY A 117 -42.18 -20.59 -13.60
N LYS A 118 -43.38 -20.96 -13.15
CA LYS A 118 -44.58 -21.10 -13.98
C LYS A 118 -45.01 -19.76 -14.53
N VAL A 119 -44.87 -19.60 -15.85
CA VAL A 119 -45.31 -18.38 -16.55
C VAL A 119 -46.16 -18.76 -17.77
N ASP A 120 -47.22 -17.98 -18.02
CA ASP A 120 -48.07 -18.06 -19.22
C ASP A 120 -47.27 -18.31 -20.48
N ASN A 121 -47.84 -19.09 -21.39
CA ASN A 121 -47.23 -19.36 -22.68
C ASN A 121 -46.98 -18.10 -23.49
N SER A 122 -45.93 -18.15 -24.30
CA SER A 122 -45.56 -17.10 -25.25
C SER A 122 -46.60 -16.99 -26.35
N ILE A 123 -47.02 -15.77 -26.66
CA ILE A 123 -47.90 -15.54 -27.82
C ILE A 123 -47.14 -15.74 -29.17
N LEU A 124 -45.83 -15.51 -29.16
CA LEU A 124 -44.98 -15.70 -30.32
C LEU A 124 -44.40 -17.10 -30.31
N LYS A 125 -44.22 -17.67 -31.50
CA LYS A 125 -43.74 -19.04 -31.62
C LYS A 125 -42.29 -19.12 -31.13
N GLU A 126 -42.07 -20.10 -30.26
CA GLU A 126 -40.76 -20.39 -29.70
C GLU A 126 -40.08 -21.45 -30.54
N VAL A 127 -38.77 -21.32 -30.72
CA VAL A 127 -37.96 -22.40 -31.30
C VAL A 127 -37.40 -23.23 -30.16
N ASN A 128 -36.97 -24.46 -30.45
CA ASN A 128 -36.32 -25.25 -29.43
C ASN A 128 -34.83 -24.89 -29.34
N VAL A 129 -34.12 -25.44 -28.35
CA VAL A 129 -32.70 -25.12 -28.07
C VAL A 129 -31.80 -25.32 -29.29
N GLU A 130 -31.91 -26.49 -29.93
CA GLU A 130 -31.05 -26.88 -31.05
C GLU A 130 -31.25 -25.94 -32.25
N ASN A 131 -32.51 -25.62 -32.53
CA ASN A 131 -32.84 -24.63 -33.54
C ASN A 131 -32.36 -23.24 -33.21
N TYR A 132 -32.55 -22.83 -31.95
CA TYR A 132 -32.06 -21.51 -31.49
C TYR A 132 -30.55 -21.46 -31.71
N LEU A 133 -29.86 -22.50 -31.25
CA LEU A 133 -28.41 -22.53 -31.34
C LEU A 133 -27.93 -22.48 -32.77
N LEU A 134 -28.55 -23.27 -33.65
CA LEU A 134 -28.26 -23.27 -35.08
C LEU A 134 -28.41 -21.87 -35.69
N GLU A 135 -29.57 -21.24 -35.43
CA GLU A 135 -29.92 -19.92 -35.97
C GLU A 135 -29.12 -18.76 -35.40
N CYS A 136 -28.92 -18.76 -34.07
CA CYS A 136 -28.10 -17.76 -33.38
C CYS A 136 -26.66 -17.81 -33.87
N ASN A 137 -26.09 -19.02 -33.86
CA ASN A 137 -24.72 -19.30 -34.34
C ASN A 137 -24.54 -18.91 -35.80
N ASN A 138 -25.58 -19.14 -36.61
CA ASN A 138 -25.59 -18.69 -38.00
C ASN A 138 -25.39 -17.19 -38.09
N ILE A 139 -26.31 -16.41 -37.48
CA ILE A 139 -26.27 -14.93 -37.49
C ILE A 139 -24.90 -14.35 -37.10
N ILE A 140 -24.22 -15.02 -36.16
CA ILE A 140 -22.90 -14.57 -35.69
C ILE A 140 -21.85 -14.56 -36.80
N VAL A 141 -21.71 -15.68 -37.55
CA VAL A 141 -20.70 -15.77 -38.63
C VAL A 141 -20.94 -14.76 -39.76
N LYS A 142 -22.18 -14.65 -40.23
CA LYS A 142 -22.61 -13.61 -41.18
C LYS A 142 -22.08 -12.25 -40.73
N ASN A 143 -22.48 -11.83 -39.53
CA ASN A 143 -22.07 -10.55 -38.91
C ASN A 143 -20.55 -10.45 -38.72
N ASP A 144 -19.94 -11.57 -38.35
CA ASP A 144 -18.48 -11.67 -38.16
C ASP A 144 -17.72 -11.40 -39.45
N GLU A 145 -18.25 -11.92 -40.56
CA GLU A 145 -17.70 -11.70 -41.89
C GLU A 145 -17.81 -10.22 -42.31
N ILE A 146 -19.01 -9.65 -42.20
CA ILE A 146 -19.30 -8.25 -42.59
C ILE A 146 -18.41 -7.25 -41.85
N MET A 147 -18.07 -7.58 -40.61
CA MET A 147 -17.24 -6.72 -39.78
C MET A 147 -15.74 -6.83 -40.11
N LYS A 148 -15.25 -8.05 -40.38
CA LYS A 148 -13.88 -8.24 -40.87
C LYS A 148 -13.70 -7.67 -42.29
N ASN A 149 -14.78 -7.65 -43.06
CA ASN A 149 -14.84 -7.01 -44.39
C ASN A 149 -14.62 -5.49 -44.31
N ASN A 150 -14.92 -4.91 -43.14
CA ASN A 150 -14.60 -3.51 -42.88
C ASN A 150 -13.14 -3.38 -42.41
N TYR A 159 -15.11 3.69 -35.27
CA TYR A 159 -14.67 2.31 -35.03
C TYR A 159 -13.61 2.16 -33.90
N THR A 160 -13.22 3.28 -33.30
CA THR A 160 -12.31 3.31 -32.15
C THR A 160 -13.08 3.55 -30.85
N SER A 161 -13.92 4.59 -30.85
CA SER A 161 -14.63 5.10 -29.67
C SER A 161 -15.24 4.01 -28.77
N TYR A 162 -15.02 4.13 -27.45
CA TYR A 162 -15.57 3.24 -26.43
C TYR A 162 -17.10 3.21 -26.37
N PHE A 163 -17.65 2.08 -25.91
CA PHE A 163 -19.08 1.99 -25.59
C PHE A 163 -19.35 2.25 -24.10
N TYR A 164 -20.51 2.84 -23.85
CA TYR A 164 -20.96 3.10 -22.50
C TYR A 164 -22.22 2.30 -22.30
N ASN A 165 -22.06 1.20 -21.55
CA ASN A 165 -23.08 0.16 -21.42
C ASN A 165 -23.77 0.09 -20.06
N LEU A 166 -25.01 -0.41 -20.06
CA LEU A 166 -25.86 -0.50 -18.88
C LEU A 166 -26.97 -1.50 -19.13
N THR A 167 -27.27 -2.35 -18.15
CA THR A 167 -28.46 -3.22 -18.25
C THR A 167 -29.55 -2.86 -17.24
N VAL A 168 -30.78 -3.21 -17.59
CA VAL A 168 -31.92 -2.91 -16.73
C VAL A 168 -32.91 -4.05 -16.78
N VAL A 169 -33.59 -4.29 -15.68
CA VAL A 169 -34.72 -5.20 -15.63
C VAL A 169 -35.99 -4.38 -15.51
N VAL A 170 -36.91 -4.63 -16.44
CA VAL A 170 -38.19 -3.96 -16.44
C VAL A 170 -39.27 -4.99 -16.17
N LYS A 171 -40.09 -4.73 -15.17
CA LYS A 171 -41.38 -5.40 -15.06
C LYS A 171 -42.29 -4.67 -16.06
N THR A 172 -42.58 -5.32 -17.17
CA THR A 172 -43.27 -4.68 -18.30
C THR A 172 -44.75 -5.06 -18.43
N PHE A 173 -45.52 -4.12 -18.99
CA PHE A 173 -46.95 -4.33 -19.32
C PHE A 173 -47.15 -4.62 -20.81
N VAL A 174 -46.06 -4.54 -21.57
CA VAL A 174 -46.09 -4.81 -23.00
C VAL A 174 -46.26 -6.32 -23.14
N ASN A 175 -47.11 -6.74 -24.08
CA ASN A 175 -47.53 -8.12 -24.22
C ASN A 175 -46.46 -9.13 -24.63
N ASP A 176 -45.54 -8.72 -25.50
CA ASP A 176 -44.58 -9.64 -26.12
C ASP A 176 -43.27 -8.95 -26.53
N PRO A 177 -42.20 -9.74 -26.76
CA PRO A 177 -40.92 -9.21 -27.25
C PRO A 177 -41.00 -8.36 -28.52
N LEU A 178 -41.91 -8.69 -29.43
CA LEU A 178 -41.92 -8.01 -30.73
C LEU A 178 -42.57 -6.64 -30.62
N SER A 179 -43.71 -6.58 -29.94
CA SER A 179 -44.30 -5.32 -29.51
C SER A 179 -43.34 -4.45 -28.71
N MET A 180 -42.65 -5.08 -27.73
CA MET A 180 -41.61 -4.37 -27.00
C MET A 180 -40.53 -3.77 -27.90
N LEU A 181 -40.03 -4.53 -28.88
CA LEU A 181 -39.01 -4.04 -29.80
C LEU A 181 -39.52 -2.86 -30.63
N VAL A 182 -40.80 -2.88 -30.98
CA VAL A 182 -41.48 -1.81 -31.71
C VAL A 182 -41.41 -0.51 -30.88
N VAL A 183 -41.89 -0.57 -29.63
CA VAL A 183 -41.82 0.56 -28.70
C VAL A 183 -40.38 1.06 -28.44
N ILE A 184 -39.44 0.12 -28.35
CA ILE A 184 -38.04 0.46 -28.13
C ILE A 184 -37.54 1.30 -29.31
N LYS A 185 -37.90 0.88 -30.52
CA LYS A 185 -37.47 1.57 -31.73
C LYS A 185 -38.08 2.96 -31.82
N TYR A 186 -39.27 3.13 -31.25
CA TYR A 186 -39.92 4.43 -31.13
C TYR A 186 -39.12 5.33 -30.19
N ILE A 187 -38.78 4.80 -29.01
CA ILE A 187 -37.90 5.45 -28.03
C ILE A 187 -36.56 5.88 -28.67
N GLU A 188 -35.98 5.01 -29.50
CA GLU A 188 -34.69 5.28 -30.19
C GLU A 188 -34.80 6.34 -31.27
N GLU A 189 -35.97 6.41 -31.90
CA GLU A 189 -36.27 7.41 -32.93
C GLU A 189 -36.52 8.80 -32.31
N LEU A 190 -37.29 8.84 -31.22
CA LEU A 190 -37.54 10.07 -30.49
C LEU A 190 -36.24 10.72 -30.05
N MET A 191 -35.28 9.88 -29.66
CA MET A 191 -33.97 10.29 -29.19
C MET A 191 -32.96 10.56 -30.31
N LYS A 192 -33.36 10.23 -31.56
CA LYS A 192 -32.53 10.24 -32.79
C LYS A 192 -31.47 9.15 -32.74
N ARG A 205 -22.93 5.63 -32.63
CA ARG A 205 -24.37 5.89 -32.48
C ARG A 205 -24.78 6.43 -31.08
N ILE A 206 -25.89 7.18 -31.05
CA ILE A 206 -26.41 7.83 -29.82
C ILE A 206 -27.00 6.86 -28.77
N ILE A 207 -27.94 6.01 -29.19
CA ILE A 207 -28.53 5.04 -28.29
C ILE A 207 -28.88 3.72 -28.99
N ASP A 208 -28.49 2.61 -28.35
CA ASP A 208 -28.95 1.27 -28.75
C ASP A 208 -29.59 0.55 -27.57
N ILE A 209 -30.81 0.04 -27.77
CA ILE A 209 -31.56 -0.67 -26.73
C ILE A 209 -31.98 -2.03 -27.28
N ASP A 210 -31.46 -3.09 -26.67
CA ASP A 210 -31.71 -4.45 -27.11
C ASP A 210 -32.51 -5.16 -26.04
N ILE A 211 -33.31 -6.15 -26.43
CA ILE A 211 -33.95 -7.02 -25.47
C ILE A 211 -33.04 -8.22 -25.31
N LEU A 212 -32.64 -8.51 -24.08
CA LEU A 212 -31.76 -9.66 -23.80
C LEU A 212 -32.59 -10.90 -23.49
N PHE A 213 -33.53 -10.77 -22.55
CA PHE A 213 -34.49 -11.82 -22.23
C PHE A 213 -35.88 -11.26 -22.18
N PHE A 214 -36.87 -12.12 -22.40
CA PHE A 214 -38.27 -11.80 -22.16
C PHE A 214 -38.88 -13.06 -21.59
N ASN A 215 -39.16 -13.04 -20.29
CA ASN A 215 -39.60 -14.22 -19.54
C ASN A 215 -38.63 -15.37 -19.74
N ASP A 216 -39.11 -16.61 -19.82
CA ASP A 216 -38.21 -17.75 -20.05
C ASP A 216 -38.17 -18.19 -21.52
N PHE A 217 -38.61 -17.29 -22.41
CA PHE A 217 -38.89 -17.61 -23.81
C PHE A 217 -37.62 -17.88 -24.62
N THR A 218 -37.75 -18.79 -25.60
CA THR A 218 -36.71 -18.94 -26.63
C THR A 218 -37.35 -18.68 -27.99
N ILE A 219 -36.89 -17.63 -28.66
CA ILE A 219 -37.53 -17.14 -29.89
C ILE A 219 -36.48 -16.80 -30.96
N PHE A 220 -36.67 -17.37 -32.15
CA PHE A 220 -35.94 -16.93 -33.35
C PHE A 220 -36.86 -16.77 -34.57
N MET A 221 -37.28 -15.53 -34.81
CA MET A 221 -38.16 -15.17 -35.93
C MET A 221 -37.36 -14.51 -37.02
N LYS A 222 -37.25 -15.19 -38.16
CA LYS A 222 -36.59 -14.62 -39.35
C LYS A 222 -37.58 -13.86 -40.24
N ASN A 223 -37.05 -12.91 -41.02
CA ASN A 223 -37.80 -12.15 -42.03
C ASN A 223 -39.11 -11.56 -41.51
N ILE A 224 -39.00 -10.62 -40.59
CA ILE A 224 -40.15 -9.94 -40.04
C ILE A 224 -40.50 -8.80 -40.99
N LYS A 225 -41.73 -8.84 -41.49
CA LYS A 225 -42.29 -7.69 -42.16
C LYS A 225 -43.55 -7.29 -41.41
N LEU A 226 -43.43 -6.19 -40.68
CA LEU A 226 -44.53 -5.56 -39.99
C LEU A 226 -45.06 -4.43 -40.85
N GLU A 227 -46.35 -4.51 -41.17
CA GLU A 227 -47.07 -3.48 -41.92
C GLU A 227 -47.05 -2.17 -41.12
N LYS A 228 -46.88 -1.04 -41.81
CA LYS A 228 -46.71 0.28 -41.16
C LYS A 228 -47.93 0.76 -40.34
N ASN A 229 -49.10 0.19 -40.61
CA ASN A 229 -50.27 0.38 -39.75
C ASN A 229 -50.42 -0.69 -38.65
N MET A 230 -49.60 -1.73 -38.70
CA MET A 230 -49.47 -2.65 -37.56
C MET A 230 -48.62 -2.00 -36.46
N ILE A 231 -47.50 -1.41 -36.88
CA ILE A 231 -46.64 -0.59 -36.03
C ILE A 231 -47.44 0.51 -35.33
N TYR A 232 -48.25 1.24 -36.11
CA TYR A 232 -49.11 2.27 -35.54
C TYR A 232 -50.05 1.69 -34.49
N LYS A 233 -50.70 0.57 -34.80
CA LYS A 233 -51.64 -0.06 -33.87
C LYS A 233 -50.99 -0.51 -32.56
N ILE A 234 -49.77 -1.08 -32.64
CA ILE A 234 -48.97 -1.47 -31.48
C ILE A 234 -48.60 -0.26 -30.63
N LEU A 235 -47.96 0.74 -31.23
CA LEU A 235 -47.61 1.98 -30.52
C LEU A 235 -48.82 2.65 -29.87
N SER A 236 -49.96 2.62 -30.55
CA SER A 236 -51.17 3.24 -30.06
C SER A 236 -51.80 2.49 -28.89
N LYS A 237 -51.44 1.21 -28.73
CA LYS A 237 -51.91 0.40 -27.59
C LYS A 237 -51.31 0.89 -26.28
N TYR A 238 -50.05 1.32 -26.33
CA TYR A 238 -49.31 1.70 -25.14
C TYR A 238 -49.11 3.22 -24.96
N ILE A 239 -49.19 3.99 -26.05
CA ILE A 239 -48.91 5.45 -26.05
C ILE A 239 -50.07 6.27 -26.66
N HIS A 240 -50.47 7.35 -25.98
CA HIS A 240 -51.41 8.34 -26.53
C HIS A 240 -50.73 9.16 -27.64
N LEU A 241 -50.72 8.63 -28.86
CA LEU A 241 -50.00 9.26 -29.99
C LEU A 241 -50.61 10.59 -30.46
N GLU A 242 -49.76 11.62 -30.50
CA GLU A 242 -50.16 12.98 -30.90
C GLU A 242 -49.26 13.49 -32.03
N GLN A 303 -42.98 12.11 -38.00
CA GLN A 303 -43.97 11.57 -38.92
C GLN A 303 -43.52 10.27 -39.63
N GLU A 304 -42.37 10.32 -40.31
CA GLU A 304 -41.77 9.13 -40.95
C GLU A 304 -40.81 8.37 -40.00
N ILE A 305 -41.03 8.62 -38.71
CA ILE A 305 -40.50 7.80 -37.63
C ILE A 305 -41.05 6.37 -37.79
N ILE A 306 -42.37 6.27 -37.98
CA ILE A 306 -43.08 5.01 -38.23
C ILE A 306 -42.62 4.37 -39.55
N ASN A 307 -42.36 5.20 -40.56
CA ASN A 307 -41.89 4.73 -41.87
C ASN A 307 -40.46 4.18 -41.78
N ASN A 308 -39.63 4.80 -40.93
CA ASN A 308 -38.25 4.37 -40.69
C ASN A 308 -38.15 3.02 -39.97
N MET A 309 -39.09 2.76 -39.07
CA MET A 309 -39.12 1.53 -38.28
C MET A 309 -39.45 0.27 -39.08
N VAL A 310 -40.15 0.43 -40.21
CA VAL A 310 -40.64 -0.68 -41.07
C VAL A 310 -39.50 -1.63 -41.49
N ASP A 311 -38.40 -1.05 -41.95
CA ASP A 311 -37.23 -1.83 -42.36
C ASP A 311 -36.14 -1.87 -41.28
N ASN A 312 -36.48 -1.44 -40.06
CA ASN A 312 -35.56 -1.48 -38.93
C ASN A 312 -35.66 -2.75 -38.09
N ILE A 313 -36.82 -3.41 -38.15
CA ILE A 313 -37.05 -4.66 -37.42
C ILE A 313 -36.97 -5.84 -38.41
N GLU A 314 -35.75 -6.30 -38.62
CA GLU A 314 -35.45 -7.31 -39.63
C GLU A 314 -35.78 -8.71 -39.10
N PHE A 315 -35.31 -9.02 -37.89
CA PHE A 315 -35.55 -10.32 -37.21
C PHE A 315 -35.73 -10.17 -35.69
N LEU A 316 -36.10 -11.25 -34.99
CA LEU A 316 -36.15 -11.24 -33.52
C LEU A 316 -35.56 -12.48 -32.86
N SER A 317 -34.51 -12.24 -32.08
CA SER A 317 -33.85 -13.28 -31.27
C SER A 317 -34.05 -13.04 -29.76
N ILE A 318 -34.55 -14.07 -29.04
CA ILE A 318 -34.59 -14.09 -27.57
C ILE A 318 -34.08 -15.48 -27.11
N PRO A 319 -32.95 -15.56 -26.38
CA PRO A 319 -32.13 -14.42 -25.98
C PRO A 319 -31.51 -13.73 -27.15
N HIS A 320 -31.10 -12.49 -26.93
CA HIS A 320 -30.34 -11.72 -27.89
C HIS A 320 -29.14 -12.53 -28.35
N VAL A 321 -28.83 -12.42 -29.64
CA VAL A 321 -27.76 -13.20 -30.27
C VAL A 321 -26.40 -13.08 -29.56
N TYR A 322 -26.09 -11.89 -29.02
CA TYR A 322 -24.77 -11.62 -28.45
C TYR A 322 -24.59 -11.83 -26.93
N THR A 323 -25.68 -12.25 -26.26
CA THR A 323 -25.73 -12.46 -24.81
C THR A 323 -24.50 -13.17 -24.22
N THR A 324 -24.15 -14.31 -24.81
CA THR A 324 -23.04 -15.15 -24.35
C THR A 324 -21.71 -14.75 -24.98
N HIS A 325 -21.77 -13.89 -25.99
CA HIS A 325 -20.62 -13.61 -26.84
C HIS A 325 -19.89 -12.30 -26.54
N ARG A 326 -20.58 -11.37 -25.89
CA ARG A 326 -19.99 -10.06 -25.56
C ARG A 326 -19.66 -9.91 -24.09
N TYR A 327 -18.38 -9.64 -23.78
CA TYR A 327 -17.97 -9.41 -22.41
C TYR A 327 -18.87 -8.35 -21.74
N SER A 328 -19.04 -7.21 -22.40
CA SER A 328 -19.83 -6.09 -21.91
C SER A 328 -21.26 -6.45 -21.52
N ILE A 329 -21.88 -7.38 -22.24
CA ILE A 329 -23.22 -7.85 -21.85
C ILE A 329 -23.15 -8.65 -20.54
N LEU A 330 -22.27 -9.65 -20.47
CA LEU A 330 -22.17 -10.51 -19.29
C LEU A 330 -21.71 -9.72 -18.06
N LEU A 331 -20.80 -8.76 -18.27
CA LEU A 331 -20.35 -7.82 -17.24
C LEU A 331 -21.51 -7.10 -16.55
N CYS A 332 -22.44 -6.59 -17.34
CA CYS A 332 -23.61 -5.91 -16.81
C CYS A 332 -24.60 -6.87 -16.11
N LEU A 333 -24.84 -8.04 -16.69
CA LEU A 333 -25.80 -9.00 -16.13
C LEU A 333 -25.33 -9.64 -14.83
N ASN A 334 -24.01 -9.85 -14.72
CA ASN A 334 -23.37 -10.36 -13.51
C ASN A 334 -23.71 -9.52 -12.29
N ASP A 335 -23.88 -8.20 -12.49
CA ASP A 335 -24.34 -7.27 -11.48
C ASP A 335 -25.78 -7.54 -11.04
N MET A 336 -26.64 -7.90 -11.98
CA MET A 336 -28.08 -7.93 -11.70
C MET A 336 -28.56 -9.32 -11.37
N ILE A 337 -28.28 -10.28 -12.26
CA ILE A 337 -28.93 -11.56 -12.18
C ILE A 337 -27.88 -12.68 -12.22
N PRO A 338 -26.88 -12.65 -11.30
CA PRO A 338 -25.73 -13.54 -11.48
C PRO A 338 -26.07 -15.04 -11.51
N GLU A 339 -27.17 -15.43 -10.90
CA GLU A 339 -27.46 -16.85 -10.84
C GLU A 339 -28.66 -17.26 -11.68
N TYR A 340 -28.99 -16.41 -12.63
CA TYR A 340 -30.02 -16.70 -13.58
C TYR A 340 -29.53 -17.73 -14.62
N LYS A 341 -30.37 -18.72 -14.88
CA LYS A 341 -30.08 -19.71 -15.91
C LYS A 341 -31.23 -19.85 -16.91
N HIS A 342 -31.01 -19.31 -18.11
CA HIS A 342 -31.91 -19.49 -19.24
C HIS A 342 -31.63 -20.87 -19.81
N ASN A 343 -32.64 -21.49 -20.44
CA ASN A 343 -32.55 -22.87 -20.96
C ASN A 343 -31.51 -23.00 -22.08
N VAL A 344 -31.37 -21.94 -22.84
CA VAL A 344 -30.44 -21.86 -23.95
C VAL A 344 -28.98 -21.61 -23.52
N LEU A 345 -28.75 -21.30 -22.24
CA LEU A 345 -27.39 -21.01 -21.76
C LEU A 345 -26.74 -22.17 -21.01
N ASN A 346 -25.44 -22.38 -21.25
CA ASN A 346 -24.66 -23.47 -20.64
C ASN A 346 -24.61 -23.46 -19.10
N ASN A 347 -24.61 -22.25 -18.53
CA ASN A 347 -24.52 -22.09 -17.09
C ASN A 347 -25.24 -20.83 -16.66
N THR A 348 -25.13 -20.49 -15.37
CA THR A 348 -25.61 -19.22 -14.82
C THR A 348 -24.78 -18.06 -15.37
N ILE A 349 -25.29 -16.84 -15.24
CA ILE A 349 -24.55 -15.64 -15.65
C ILE A 349 -23.18 -15.52 -14.97
N ARG A 350 -23.12 -15.74 -13.65
CA ARG A 350 -21.86 -15.66 -12.91
C ARG A 350 -20.83 -16.64 -13.46
N CYS A 351 -21.21 -17.91 -13.62
CA CYS A 351 -20.30 -18.89 -14.20
C CYS A 351 -19.85 -18.48 -15.60
N LEU A 352 -20.80 -18.09 -16.44
CA LEU A 352 -20.48 -17.60 -17.79
C LEU A 352 -19.53 -16.41 -17.78
N TYR A 353 -19.84 -15.42 -16.94
CA TYR A 353 -18.98 -14.25 -16.79
C TYR A 353 -17.56 -14.67 -16.33
N ASN A 354 -17.50 -15.54 -15.33
CA ASN A 354 -16.23 -16.01 -14.74
C ASN A 354 -15.36 -16.81 -15.73
N LYS A 355 -15.98 -17.77 -16.40
CA LYS A 355 -15.33 -18.54 -17.46
C LYS A 355 -14.70 -17.63 -18.49
N TYR A 356 -15.45 -16.61 -18.94
CA TYR A 356 -14.97 -15.61 -19.91
C TYR A 356 -13.74 -14.84 -19.43
N VAL A 357 -13.73 -14.44 -18.15
CA VAL A 357 -12.58 -13.72 -17.56
C VAL A 357 -11.33 -14.63 -17.56
N SER A 358 -11.51 -15.88 -17.12
CA SER A 358 -10.42 -16.86 -17.02
C SER A 358 -9.87 -17.29 -18.38
N ARG A 359 -10.77 -17.69 -19.30
CA ARG A 359 -10.44 -17.95 -20.71
C ARG A 359 -9.61 -16.83 -21.38
N MET A 360 -9.86 -15.58 -21.01
CA MET A 360 -9.09 -14.46 -21.55
C MET A 360 -7.66 -14.40 -21.03
N LYS A 361 -7.42 -14.97 -19.84
CA LYS A 361 -6.11 -14.95 -19.24
C LYS A 361 -5.25 -16.14 -19.72
N GLU A 362 -5.90 -17.30 -19.85
CA GLU A 362 -5.24 -18.54 -20.24
C GLU A 362 -4.95 -18.58 -21.73
N GLN A 363 -5.98 -18.38 -22.54
CA GLN A 363 -5.88 -18.46 -24.01
C GLN A 363 -5.32 -17.20 -24.67
N TYR A 364 -5.16 -16.11 -23.91
CA TYR A 364 -4.78 -14.81 -24.52
C TYR A 364 -3.83 -13.89 -23.73
N ASN A 365 -3.58 -14.22 -22.46
CA ASN A 365 -2.91 -13.31 -21.50
C ASN A 365 -3.48 -11.86 -21.52
N ILE A 366 -4.81 -11.77 -21.61
CA ILE A 366 -5.55 -10.50 -21.47
C ILE A 366 -6.11 -10.45 -20.06
N ASN A 367 -5.98 -9.30 -19.39
CA ASN A 367 -6.85 -9.01 -18.25
C ASN A 367 -7.99 -8.15 -18.79
N ILE A 368 -9.13 -8.83 -19.01
CA ILE A 368 -10.32 -8.25 -19.64
C ILE A 368 -10.92 -7.13 -18.79
N LYS A 369 -10.53 -7.08 -17.51
CA LYS A 369 -11.00 -6.07 -16.57
C LYS A 369 -10.42 -4.67 -16.75
N GLU A 370 -9.12 -4.59 -17.04
CA GLU A 370 -8.36 -3.33 -17.10
C GLU A 370 -8.94 -2.27 -18.04
N ASN A 371 -9.48 -2.70 -19.18
CA ASN A 371 -10.10 -1.75 -20.13
C ASN A 371 -11.62 -1.68 -20.09
N ASN A 372 -12.25 -2.53 -19.30
CA ASN A 372 -13.70 -2.49 -19.13
C ASN A 372 -13.99 -2.04 -17.70
N LYS A 373 -14.22 -0.73 -17.54
CA LYS A 373 -14.21 -0.03 -16.24
C LYS A 373 -15.60 0.19 -15.64
N ARG A 374 -15.70 -0.02 -14.33
CA ARG A 374 -16.95 0.26 -13.63
C ARG A 374 -17.07 1.75 -13.34
N ILE A 375 -18.25 2.30 -13.63
CA ILE A 375 -18.54 3.72 -13.45
C ILE A 375 -19.59 3.92 -12.35
N TYR A 376 -19.32 4.88 -11.46
CA TYR A 376 -20.33 5.46 -10.56
C TYR A 376 -20.56 6.95 -10.93
N VAL A 377 -21.67 7.54 -10.45
CA VAL A 377 -22.08 8.89 -10.87
C VAL A 377 -22.50 9.70 -9.66
N LEU A 378 -21.81 10.81 -9.43
CA LEU A 378 -22.07 11.68 -8.28
C LEU A 378 -23.12 12.74 -8.62
N LYS A 379 -23.03 13.29 -9.82
CA LYS A 379 -23.97 14.28 -10.30
C LYS A 379 -24.32 14.04 -11.76
N ASP A 380 -23.33 14.25 -12.63
CA ASP A 380 -23.54 14.61 -14.04
C ASP A 380 -22.66 13.77 -14.95
N ARG A 381 -21.47 13.48 -14.45
CA ARG A 381 -20.37 13.01 -15.26
C ARG A 381 -20.00 11.60 -14.82
N ILE A 382 -19.16 10.98 -15.64
CA ILE A 382 -18.53 9.72 -15.31
C ILE A 382 -17.44 9.93 -14.25
N SER A 383 -17.44 9.06 -13.26
CA SER A 383 -16.28 8.79 -12.44
C SER A 383 -15.93 7.34 -12.68
N TYR A 384 -14.65 7.04 -12.80
CA TYR A 384 -14.23 5.63 -12.84
C TYR A 384 -14.00 5.16 -11.41
N LEU A 385 -14.66 4.06 -11.07
CA LEU A 385 -14.56 3.48 -9.74
C LEU A 385 -13.10 3.20 -9.40
N LYS A 386 -12.67 3.67 -8.23
CA LYS A 386 -11.35 3.35 -7.67
C LYS A 386 -10.18 4.14 -8.29
N GLU A 387 -10.48 5.18 -9.08
CA GLU A 387 -9.43 5.95 -9.78
C GLU A 387 -9.07 7.29 -9.13
N LYS A 388 -9.88 7.72 -8.16
CA LYS A 388 -9.65 8.99 -7.46
C LYS A 388 -10.27 8.97 -6.08
N THR A 389 -9.50 9.39 -5.08
CA THR A 389 -10.04 9.73 -3.78
C THR A 389 -10.50 11.20 -3.74
N ASN A 390 -11.82 11.40 -3.82
CA ASN A 390 -12.45 12.71 -3.79
C ASN A 390 -12.56 13.23 -2.37
N ILE A 391 -12.31 14.52 -2.18
CA ILE A 391 -12.54 15.15 -0.89
C ILE A 391 -14.00 15.67 -0.81
N VAL A 392 -14.66 15.35 0.30
CA VAL A 392 -15.95 15.89 0.65
C VAL A 392 -15.75 16.82 1.86
N GLY A 393 -15.89 18.12 1.63
CA GLY A 393 -15.74 19.10 2.69
C GLY A 393 -17.01 19.17 3.53
N ILE A 394 -16.83 19.15 4.86
CA ILE A 394 -17.94 19.20 5.81
C ILE A 394 -18.34 20.66 6.13
N LEU A 395 -19.62 20.97 5.98
CA LEU A 395 -20.16 22.20 6.50
C LEU A 395 -21.29 21.90 7.48
N ASN A 396 -20.99 22.09 8.75
CA ASN A 396 -21.98 22.07 9.83
C ASN A 396 -22.51 23.48 9.97
N VAL A 397 -23.75 23.69 9.58
CA VAL A 397 -24.44 24.97 9.82
C VAL A 397 -24.92 25.05 11.29
N ASN A 398 -25.33 23.93 11.87
CA ASN A 398 -25.76 23.85 13.27
C ASN A 398 -24.70 24.35 14.26
N VAL A 409 -29.02 33.56 10.78
CA VAL A 409 -28.04 34.48 11.37
C VAL A 409 -26.58 34.08 11.05
N GLU A 410 -26.43 33.12 10.11
CA GLU A 410 -25.13 32.59 9.71
C GLU A 410 -24.88 32.39 8.20
N PRO A 411 -25.87 32.69 7.31
CA PRO A 411 -25.72 32.21 5.93
C PRO A 411 -24.49 32.75 5.19
N LYS A 412 -24.15 34.02 5.42
CA LYS A 412 -23.03 34.69 4.73
C LYS A 412 -21.66 34.08 5.07
N ARG A 413 -21.44 33.83 6.36
CA ARG A 413 -20.19 33.23 6.86
C ARG A 413 -20.06 31.76 6.45
N ALA A 414 -21.19 31.07 6.37
CA ALA A 414 -21.26 29.69 5.90
C ALA A 414 -20.94 29.56 4.39
N VAL A 415 -21.51 30.43 3.56
CA VAL A 415 -21.20 30.49 2.11
C VAL A 415 -19.73 30.91 1.84
N GLN A 416 -19.20 31.74 2.73
CA GLN A 416 -17.79 32.09 2.68
C GLN A 416 -16.98 30.79 2.83
N ARG A 417 -17.28 30.03 3.89
CA ARG A 417 -16.62 28.75 4.17
C ARG A 417 -16.77 27.76 3.01
N MET A 418 -17.96 27.75 2.39
CA MET A 418 -18.20 26.97 1.17
C MET A 418 -17.15 27.27 0.11
N PHE A 419 -16.96 28.55 -0.19
CA PHE A 419 -15.94 29.03 -1.16
C PHE A 419 -14.49 28.80 -0.69
N GLU A 420 -14.21 28.97 0.60
CA GLU A 420 -12.91 28.62 1.14
C GLU A 420 -12.59 27.14 0.81
N MET A 421 -13.57 26.25 0.98
CA MET A 421 -13.41 24.79 0.77
C MET A 421 -13.18 24.40 -0.68
N ILE A 422 -13.94 25.01 -1.60
CA ILE A 422 -13.78 24.84 -3.05
C ILE A 422 -12.34 25.18 -3.46
N ASN A 423 -11.85 26.31 -2.98
CA ASN A 423 -10.49 26.78 -3.31
C ASN A 423 -9.44 25.92 -2.65
N GLU A 424 -9.75 25.42 -1.46
CA GLU A 424 -8.87 24.52 -0.75
C GLU A 424 -8.81 23.14 -1.41
N GLY A 425 -9.74 22.87 -2.33
CA GLY A 425 -9.74 21.66 -3.15
C GLY A 425 -10.86 20.64 -2.95
N ALA A 426 -11.97 21.02 -2.33
CA ALA A 426 -13.06 20.05 -2.16
C ALA A 426 -13.84 19.85 -3.45
N SER A 427 -14.07 18.60 -3.82
CA SER A 427 -14.90 18.26 -4.99
C SER A 427 -16.40 18.25 -4.66
N VAL A 428 -16.72 18.02 -3.39
CA VAL A 428 -18.07 17.88 -2.89
C VAL A 428 -18.13 18.64 -1.56
N ILE A 429 -19.24 19.35 -1.35
CA ILE A 429 -19.54 19.95 -0.05
C ILE A 429 -20.70 19.14 0.56
N ASP A 430 -20.50 18.67 1.79
CA ASP A 430 -21.57 17.99 2.52
C ASP A 430 -22.15 18.96 3.55
N ILE A 431 -23.37 19.43 3.30
CA ILE A 431 -24.03 20.37 4.21
C ILE A 431 -25.07 19.70 5.14
N GLY A 432 -24.95 20.01 6.43
CA GLY A 432 -25.81 19.45 7.45
C GLY A 432 -26.13 20.47 8.53
N GLY A 433 -27.38 20.44 8.99
CA GLY A 433 -27.84 21.23 10.12
C GLY A 433 -28.27 20.36 11.28
N GLU A 434 -28.04 19.05 11.14
CA GLU A 434 -28.30 18.08 12.21
C GLU A 434 -27.01 17.34 12.62
N LYS A 445 -34.22 24.80 19.24
CA LYS A 445 -34.49 26.22 19.01
C LYS A 445 -34.90 26.51 17.55
N ILE A 446 -33.93 26.50 16.63
CA ILE A 446 -34.12 26.75 15.19
C ILE A 446 -34.26 25.43 14.40
N SER A 447 -35.15 25.39 13.41
CA SER A 447 -35.39 24.17 12.60
C SER A 447 -34.24 23.84 11.64
N GLU A 448 -34.09 22.55 11.32
CA GLU A 448 -33.10 22.09 10.33
C GLU A 448 -33.25 22.79 8.99
N ARG A 449 -34.50 22.93 8.55
CA ARG A 449 -34.81 23.62 7.30
C ARG A 449 -34.25 25.02 7.29
N ASP A 450 -34.41 25.74 8.41
CA ASP A 450 -34.04 27.15 8.54
C ASP A 450 -32.52 27.38 8.57
N LEU A 451 -31.81 26.42 9.17
CA LEU A 451 -30.36 26.39 9.13
C LEU A 451 -29.82 26.14 7.72
N VAL A 452 -30.35 25.14 7.00
CA VAL A 452 -29.67 24.71 5.75
C VAL A 452 -30.13 25.37 4.46
N VAL A 453 -31.43 25.61 4.31
CA VAL A 453 -32.01 26.10 3.04
C VAL A 453 -31.50 27.51 2.66
N PRO A 454 -31.58 28.50 3.60
CA PRO A 454 -30.95 29.80 3.35
C PRO A 454 -29.50 29.71 2.86
N VAL A 455 -28.67 28.93 3.57
CA VAL A 455 -27.27 28.74 3.21
C VAL A 455 -27.12 28.20 1.79
N LEU A 456 -27.95 27.21 1.44
CA LEU A 456 -27.94 26.66 0.09
C LEU A 456 -28.48 27.64 -0.93
N GLN A 457 -29.49 28.41 -0.53
CA GLN A 457 -30.11 29.37 -1.45
C GLN A 457 -29.15 30.50 -1.73
N LEU A 458 -28.42 30.91 -0.69
CA LEU A 458 -27.40 31.95 -0.83
C LEU A 458 -26.20 31.48 -1.67
N PHE A 459 -25.72 30.26 -1.42
CA PHE A 459 -24.62 29.70 -2.20
C PHE A 459 -24.94 29.73 -3.69
N GLN A 460 -26.14 29.27 -4.04
CA GLN A 460 -26.61 29.20 -5.42
C GLN A 460 -26.60 30.56 -6.13
N LYS A 461 -26.96 31.63 -5.38
CA LYS A 461 -26.95 32.99 -5.93
C LYS A 461 -25.52 33.48 -6.16
N GLU A 462 -24.70 33.45 -5.11
CA GLU A 462 -23.29 33.84 -5.19
C GLU A 462 -22.55 33.11 -6.31
N TRP A 463 -22.80 31.80 -6.46
CA TRP A 463 -22.19 31.02 -7.54
C TRP A 463 -22.65 31.52 -8.91
N ASN A 464 -23.89 31.94 -9.02
CA ASN A 464 -24.44 32.43 -10.29
C ASN A 464 -23.94 33.85 -10.65
N ASP A 465 -23.35 34.54 -9.66
CA ASP A 465 -22.57 35.76 -9.88
C ASP A 465 -21.10 35.42 -10.22
N ILE A 466 -20.80 34.12 -10.21
CA ILE A 466 -19.48 33.51 -10.50
C ILE A 466 -18.39 33.91 -9.49
N ASP A 474 -17.91 24.00 -15.08
CA ASP A 474 -17.67 22.69 -14.49
C ASP A 474 -16.65 22.69 -13.30
N ALA A 475 -16.28 23.89 -12.84
CA ALA A 475 -15.51 24.09 -11.60
C ALA A 475 -16.43 24.15 -10.36
N LYS A 476 -17.71 23.83 -10.57
CA LYS A 476 -18.74 23.83 -9.52
C LYS A 476 -18.60 22.60 -8.62
N PRO A 477 -18.71 22.81 -7.31
CA PRO A 477 -18.70 21.63 -6.47
C PRO A 477 -20.05 20.92 -6.55
N ILE A 478 -19.98 19.61 -6.34
CA ILE A 478 -21.14 18.80 -6.09
C ILE A 478 -21.63 19.12 -4.66
N ILE A 479 -22.95 19.24 -4.52
CA ILE A 479 -23.56 19.57 -3.23
C ILE A 479 -24.29 18.35 -2.69
N SER A 480 -23.82 17.92 -1.54
CA SER A 480 -24.45 16.84 -0.81
C SER A 480 -25.13 17.39 0.45
N ILE A 481 -26.39 17.00 0.67
CA ILE A 481 -27.08 17.34 1.95
C ILE A 481 -27.22 16.16 2.93
N ASP A 482 -26.64 16.32 4.11
CA ASP A 482 -26.71 15.36 5.21
C ASP A 482 -28.04 15.55 5.92
N THR A 483 -29.02 14.73 5.56
CA THR A 483 -30.37 14.84 6.10
C THR A 483 -31.07 13.52 6.05
N ILE A 484 -32.01 13.32 6.97
CA ILE A 484 -32.93 12.15 6.94
C ILE A 484 -34.38 12.61 6.83
N ASN A 485 -34.57 13.92 6.68
CA ASN A 485 -35.89 14.54 6.70
C ASN A 485 -36.33 14.71 5.27
N TYR A 486 -37.34 13.93 4.91
CA TYR A 486 -38.10 14.11 3.67
C TYR A 486 -38.34 15.59 3.36
N ASN A 487 -38.92 16.33 4.32
CA ASN A 487 -39.33 17.71 4.09
C ASN A 487 -38.18 18.61 3.64
N VAL A 488 -37.03 18.47 4.30
CA VAL A 488 -35.81 19.24 3.98
C VAL A 488 -35.32 18.88 2.58
N PHE A 489 -35.22 17.57 2.29
CA PHE A 489 -34.74 17.13 0.98
C PHE A 489 -35.67 17.58 -0.13
N LYS A 490 -36.98 17.48 0.09
CA LYS A 490 -37.98 17.88 -0.89
C LYS A 490 -37.75 19.33 -1.34
N GLU A 491 -37.51 20.23 -0.38
CA GLU A 491 -37.33 21.64 -0.70
C GLU A 491 -36.04 21.92 -1.49
N CYS A 492 -34.94 21.26 -1.12
CA CYS A 492 -33.65 21.41 -1.79
C CYS A 492 -33.72 20.96 -3.25
N VAL A 493 -34.37 19.82 -3.45
CA VAL A 493 -34.53 19.21 -4.76
C VAL A 493 -35.44 20.06 -5.65
N ASP A 494 -36.60 20.46 -5.14
CA ASP A 494 -37.51 21.38 -5.84
C ASP A 494 -36.84 22.68 -6.31
N ASN A 495 -35.90 23.18 -5.51
CA ASN A 495 -35.25 24.45 -5.77
C ASN A 495 -33.83 24.31 -6.30
N ASP A 496 -33.48 23.10 -6.75
CA ASP A 496 -32.19 22.78 -7.36
C ASP A 496 -30.97 23.24 -6.54
N LEU A 497 -31.00 22.96 -5.24
CA LEU A 497 -29.94 23.37 -4.32
C LEU A 497 -28.92 22.28 -4.04
N VAL A 498 -29.28 21.02 -4.31
CA VAL A 498 -28.41 19.88 -3.97
C VAL A 498 -28.29 18.87 -5.10
N ASP A 499 -27.23 18.06 -5.05
CA ASP A 499 -27.06 16.95 -5.98
C ASP A 499 -27.19 15.56 -5.33
N ILE A 500 -26.75 15.42 -4.08
CA ILE A 500 -26.68 14.12 -3.42
C ILE A 500 -27.42 14.15 -2.09
N LEU A 501 -28.10 13.05 -1.76
CA LEU A 501 -28.63 12.80 -0.44
C LEU A 501 -27.65 11.98 0.39
N ASN A 502 -27.14 12.55 1.48
CA ASN A 502 -26.35 11.77 2.45
C ASN A 502 -27.29 11.39 3.59
N ASP A 503 -27.81 10.16 3.50
CA ASP A 503 -28.79 9.63 4.46
C ASP A 503 -28.10 8.67 5.43
N ILE A 504 -27.92 9.13 6.67
CA ILE A 504 -27.22 8.34 7.67
C ILE A 504 -28.00 7.12 8.18
N SER A 505 -29.30 7.03 7.86
CA SER A 505 -30.13 5.90 8.23
C SER A 505 -30.27 4.90 7.08
N ALA A 506 -29.59 5.23 5.97
CA ALA A 506 -29.63 4.46 4.73
C ALA A 506 -31.08 4.34 4.24
N CYS A 507 -31.77 5.48 4.27
CA CYS A 507 -33.19 5.62 3.88
C CYS A 507 -34.15 4.67 4.62
N THR A 508 -33.78 4.19 5.82
CA THR A 508 -34.66 3.37 6.68
C THR A 508 -35.56 4.23 7.55
N ASN A 509 -35.17 5.50 7.74
CA ASN A 509 -35.94 6.39 8.58
C ASN A 509 -37.26 6.81 7.93
N ASN A 510 -37.17 7.28 6.69
CA ASN A 510 -38.35 7.52 5.88
C ASN A 510 -38.06 7.13 4.44
N PRO A 511 -38.38 5.89 4.09
CA PRO A 511 -38.10 5.37 2.76
C PRO A 511 -38.83 6.13 1.65
N GLU A 512 -39.75 7.01 2.03
CA GLU A 512 -40.49 7.85 1.10
C GLU A 512 -39.54 8.80 0.40
N ILE A 513 -38.43 9.11 1.05
CA ILE A 513 -37.34 9.94 0.53
C ILE A 513 -36.80 9.39 -0.80
N ILE A 514 -36.91 8.07 -1.00
CA ILE A 514 -36.51 7.42 -2.24
C ILE A 514 -37.32 7.95 -3.42
N LYS A 515 -38.58 8.30 -3.21
CA LYS A 515 -39.39 8.92 -4.26
C LYS A 515 -38.80 10.26 -4.76
N LEU A 516 -38.07 10.95 -3.89
CA LEU A 516 -37.49 12.25 -4.22
C LEU A 516 -36.15 12.15 -5.00
N LEU A 517 -35.70 10.92 -5.24
CA LEU A 517 -34.43 10.68 -5.92
C LEU A 517 -34.60 10.57 -7.42
N LYS A 518 -35.87 10.50 -7.85
CA LYS A 518 -36.24 10.46 -9.27
C LYS A 518 -37.16 11.60 -9.60
N LYS A 519 -36.75 12.43 -10.55
CA LYS A 519 -37.68 13.33 -11.24
C LYS A 519 -38.03 12.74 -12.61
N LYS A 520 -38.83 13.47 -13.40
CA LYS A 520 -39.17 13.07 -14.76
C LYS A 520 -37.91 12.88 -15.57
N ASN A 521 -36.92 13.74 -15.36
CA ASN A 521 -35.70 13.77 -16.17
C ASN A 521 -34.39 13.56 -15.37
N LYS A 522 -34.44 13.81 -14.07
CA LYS A 522 -33.25 13.77 -13.26
C LYS A 522 -33.28 12.56 -12.34
N PHE A 523 -32.11 11.97 -12.13
CA PHE A 523 -31.87 11.03 -11.05
C PHE A 523 -30.88 11.70 -10.08
N TYR A 524 -31.04 11.49 -8.78
CA TYR A 524 -30.10 11.99 -7.79
C TYR A 524 -29.34 10.86 -7.12
N SER A 525 -28.07 11.08 -6.83
CA SER A 525 -27.23 10.06 -6.16
C SER A 525 -27.44 10.08 -4.64
N VAL A 526 -27.00 9.01 -3.97
CA VAL A 526 -27.32 8.83 -2.56
C VAL A 526 -26.21 8.10 -1.81
N VAL A 527 -25.81 8.63 -0.66
CA VAL A 527 -24.93 7.93 0.27
C VAL A 527 -25.74 7.12 1.27
N LEU A 528 -25.50 5.80 1.32
CA LEU A 528 -26.16 4.90 2.29
C LEU A 528 -25.22 4.58 3.43
N MET A 529 -25.55 5.01 4.63
CA MET A 529 -24.67 4.81 5.82
C MET A 529 -25.23 3.79 6.78
N HIS A 530 -24.34 2.95 7.33
CA HIS A 530 -24.72 2.05 8.43
C HIS A 530 -24.61 2.73 9.80
N LYS A 531 -25.70 2.70 10.55
CA LYS A 531 -25.71 3.01 11.99
C LYS A 531 -26.74 2.14 12.70
N ARG A 532 -26.65 2.08 14.03
CA ARG A 532 -27.73 1.55 14.87
C ARG A 532 -28.21 2.63 15.82
N GLY A 533 -29.54 2.67 16.02
CA GLY A 533 -30.17 3.56 17.00
C GLY A 533 -30.07 5.04 16.68
N ASN A 534 -29.89 5.82 17.75
CA ASN A 534 -29.86 7.29 17.71
C ASN A 534 -28.65 7.73 18.55
N PRO A 535 -28.23 9.01 18.47
CA PRO A 535 -27.00 9.44 19.17
C PRO A 535 -26.90 9.13 20.67
N HIS A 536 -28.02 8.78 21.31
CA HIS A 536 -28.07 8.49 22.75
C HIS A 536 -28.00 7.01 23.09
N THR A 537 -28.69 6.18 22.31
CA THR A 537 -28.66 4.70 22.47
C THR A 537 -27.50 4.06 21.70
N MET A 538 -26.88 4.85 20.83
CA MET A 538 -25.89 4.43 19.84
C MET A 538 -24.66 3.70 20.36
N ASP A 539 -24.02 4.28 21.38
CA ASP A 539 -22.77 3.76 21.94
C ASP A 539 -22.92 2.45 22.72
N LYS A 540 -24.16 2.00 22.85
CA LYS A 540 -24.50 0.77 23.57
C LYS A 540 -24.82 -0.41 22.63
N LEU A 541 -25.28 -0.10 21.42
CA LEU A 541 -25.78 -1.10 20.47
C LEU A 541 -24.64 -1.62 19.59
N THR A 542 -23.78 -2.40 20.22
CA THR A 542 -22.42 -2.55 19.79
C THR A 542 -22.01 -4.02 19.59
N ASN A 543 -22.99 -4.90 19.67
CA ASN A 543 -22.77 -6.34 19.55
C ASN A 543 -23.03 -6.81 18.13
N TYR A 544 -22.03 -7.49 17.54
CA TYR A 544 -22.07 -7.95 16.15
C TYR A 544 -21.51 -9.35 16.10
N ASP A 545 -22.18 -10.25 15.38
CA ASP A 545 -21.68 -11.61 15.20
C ASP A 545 -20.49 -11.71 14.25
N ASN A 546 -20.53 -10.90 13.17
CA ASN A 546 -19.49 -10.84 12.15
C ASN A 546 -19.44 -9.40 11.65
N LEU A 547 -18.86 -8.52 12.48
CA LEU A 547 -18.83 -7.07 12.29
C LEU A 547 -18.71 -6.66 10.83
N VAL A 548 -17.59 -7.03 10.22
CA VAL A 548 -17.23 -6.61 8.86
C VAL A 548 -18.31 -7.00 7.87
N TYR A 549 -18.79 -8.24 7.96
CA TYR A 549 -19.76 -8.76 6.99
C TYR A 549 -21.24 -8.44 7.27
N ASP A 550 -21.60 -8.36 8.54
CA ASP A 550 -22.92 -7.88 8.93
C ASP A 550 -23.20 -6.52 8.28
N ILE A 551 -22.24 -5.59 8.44
CA ILE A 551 -22.35 -4.23 7.93
C ILE A 551 -22.43 -4.22 6.41
N LYS A 552 -21.59 -5.02 5.77
CA LYS A 552 -21.56 -5.10 4.32
C LYS A 552 -22.87 -5.67 3.80
N ASN A 553 -23.38 -6.72 4.44
CA ASN A 553 -24.67 -7.31 4.01
C ASN A 553 -25.81 -6.31 4.20
N TYR A 554 -25.80 -5.60 5.34
CA TYR A 554 -26.81 -4.58 5.61
C TYR A 554 -26.85 -3.57 4.45
N LEU A 555 -25.68 -3.03 4.09
CA LEU A 555 -25.58 -2.06 3.01
C LEU A 555 -26.03 -2.60 1.67
N GLU A 556 -25.61 -3.83 1.36
CA GLU A 556 -26.08 -4.56 0.18
C GLU A 556 -27.61 -4.68 0.12
N GLN A 557 -28.24 -5.01 1.24
CA GLN A 557 -29.68 -5.15 1.28
C GLN A 557 -30.37 -3.81 1.06
N ARG A 558 -29.83 -2.74 1.65
CA ARG A 558 -30.34 -1.41 1.44
C ARG A 558 -30.22 -1.01 -0.02
N LEU A 559 -29.07 -1.29 -0.65
CA LEU A 559 -28.91 -1.07 -2.08
C LEU A 559 -29.95 -1.86 -2.88
N ASN A 560 -30.17 -3.13 -2.51
CA ASN A 560 -31.15 -3.97 -3.17
C ASN A 560 -32.55 -3.38 -3.20
N PHE A 561 -32.98 -2.81 -2.08
CA PHE A 561 -34.29 -2.18 -1.94
C PHE A 561 -34.40 -0.93 -2.83
N LEU A 562 -33.37 -0.09 -2.81
CA LEU A 562 -33.36 1.10 -3.65
C LEU A 562 -33.36 0.72 -5.15
N VAL A 563 -32.60 -0.31 -5.48
CA VAL A 563 -32.50 -0.81 -6.86
C VAL A 563 -33.82 -1.42 -7.35
N LEU A 564 -34.46 -2.21 -6.48
CA LEU A 564 -35.81 -2.72 -6.72
C LEU A 564 -36.81 -1.57 -6.95
N ASN A 565 -36.55 -0.42 -6.33
CA ASN A 565 -37.42 0.75 -6.44
C ASN A 565 -37.01 1.80 -7.48
N GLY A 566 -36.12 1.40 -8.38
CA GLY A 566 -35.79 2.18 -9.57
C GLY A 566 -34.61 3.10 -9.50
N ILE A 567 -33.86 3.08 -8.41
CA ILE A 567 -32.67 3.92 -8.27
C ILE A 567 -31.51 3.24 -8.98
N PRO A 568 -30.84 3.96 -9.91
CA PRO A 568 -29.73 3.29 -10.61
C PRO A 568 -28.59 2.86 -9.67
N ARG A 569 -28.18 1.60 -9.76
CA ARG A 569 -27.09 1.02 -8.95
C ARG A 569 -25.81 1.87 -8.89
N TYR A 570 -25.46 2.47 -10.03
CA TYR A 570 -24.27 3.32 -10.17
C TYR A 570 -24.39 4.70 -9.50
N ARG A 571 -25.57 5.00 -8.93
CA ARG A 571 -25.74 6.24 -8.14
C ARG A 571 -25.76 6.02 -6.64
N ILE A 572 -25.44 4.81 -6.22
CA ILE A 572 -25.54 4.45 -4.81
C ILE A 572 -24.16 4.29 -4.17
N LEU A 573 -23.95 4.97 -3.04
CA LEU A 573 -22.67 4.98 -2.33
C LEU A 573 -22.75 4.34 -0.96
N PHE A 574 -21.78 3.49 -0.67
CA PHE A 574 -21.71 2.68 0.54
C PHE A 574 -20.92 3.44 1.56
N ASP A 575 -21.36 3.41 2.81
CA ASP A 575 -20.61 4.02 3.90
C ASP A 575 -20.81 3.18 5.16
N ILE A 576 -19.69 2.77 5.72
CA ILE A 576 -19.63 1.88 6.90
C ILE A 576 -20.03 2.54 8.22
N GLY A 577 -20.17 3.87 8.22
CA GLY A 577 -20.54 4.60 9.42
C GLY A 577 -19.59 4.44 10.60
N LEU A 578 -18.32 4.76 10.40
CA LEU A 578 -17.34 4.81 11.48
C LEU A 578 -17.83 5.64 12.68
N GLY A 579 -17.65 5.09 13.88
CA GLY A 579 -18.15 5.70 15.13
C GLY A 579 -19.64 5.64 15.41
N PHE A 580 -20.44 5.16 14.46
CA PHE A 580 -21.90 5.04 14.66
C PHE A 580 -22.31 3.62 15.08
N ALA A 581 -22.47 3.42 16.39
CA ALA A 581 -22.73 2.09 16.99
C ALA A 581 -21.56 1.11 16.76
N LYS A 582 -20.35 1.63 16.97
CA LYS A 582 -19.14 0.86 16.92
C LYS A 582 -18.23 1.34 18.03
N LYS A 583 -17.72 0.42 18.84
CA LYS A 583 -16.61 0.72 19.72
C LYS A 583 -15.37 1.10 18.86
N HIS A 584 -14.46 1.91 19.40
CA HIS A 584 -13.23 2.30 18.70
C HIS A 584 -12.49 1.18 17.94
N ASP A 585 -12.30 0.02 18.59
CA ASP A 585 -11.65 -1.15 17.96
C ASP A 585 -12.45 -1.60 16.75
N GLN A 586 -13.78 -1.53 16.85
CA GLN A 586 -14.65 -1.88 15.74
C GLN A 586 -14.49 -0.95 14.55
N SER A 587 -14.43 0.36 14.80
CA SER A 587 -14.09 1.34 13.77
C SER A 587 -12.69 1.06 13.17
N ILE A 588 -11.74 0.67 14.01
CA ILE A 588 -10.44 0.22 13.51
C ILE A 588 -10.59 -1.05 12.66
N LYS A 589 -11.32 -2.04 13.14
CA LYS A 589 -11.47 -3.30 12.40
C LYS A 589 -12.10 -3.09 11.05
N LEU A 590 -13.07 -2.19 11.00
CA LEU A 590 -13.74 -1.84 9.74
C LEU A 590 -12.77 -1.24 8.70
N LEU A 591 -11.85 -0.39 9.15
CA LEU A 591 -10.86 0.20 8.27
C LEU A 591 -9.81 -0.81 7.83
N GLN A 592 -9.32 -1.63 8.76
CA GLN A 592 -8.41 -2.74 8.42
C GLN A 592 -8.96 -3.61 7.29
N ASN A 593 -10.28 -3.69 7.22
CA ASN A 593 -10.97 -4.61 6.33
C ASN A 593 -11.74 -3.89 5.24
N ILE A 594 -11.36 -2.66 4.96
CA ILE A 594 -12.01 -1.87 3.93
C ILE A 594 -11.98 -2.50 2.51
N HIS A 595 -11.08 -3.47 2.26
CA HIS A 595 -10.91 -4.11 0.94
C HIS A 595 -12.22 -4.77 0.46
N VAL A 596 -13.03 -5.12 1.44
CA VAL A 596 -14.34 -5.71 1.28
C VAL A 596 -15.28 -4.89 0.36
N TYR A 597 -14.92 -3.63 0.09
CA TYR A 597 -15.70 -2.73 -0.77
C TYR A 597 -15.00 -2.42 -2.09
N ASP A 598 -14.08 -3.28 -2.52
CA ASP A 598 -13.32 -3.05 -3.77
C ASP A 598 -14.22 -3.04 -4.99
N GLU A 599 -15.42 -3.56 -4.87
CA GLU A 599 -16.32 -3.62 -6.00
C GLU A 599 -17.31 -2.45 -6.00
N TYR A 600 -17.30 -1.64 -4.93
CA TYR A 600 -18.37 -0.69 -4.68
C TYR A 600 -17.92 0.76 -4.57
N PRO A 601 -18.80 1.73 -4.88
CA PRO A 601 -18.50 3.13 -4.59
C PRO A 601 -18.47 3.35 -3.07
N LEU A 602 -17.35 3.85 -2.56
CA LEU A 602 -17.16 3.92 -1.13
C LEU A 602 -16.99 5.35 -0.60
N PHE A 603 -17.74 5.66 0.45
CA PHE A 603 -17.76 6.97 1.09
C PHE A 603 -17.43 6.68 2.56
N ILE A 604 -16.44 7.35 3.13
CA ILE A 604 -16.15 7.19 4.58
C ILE A 604 -15.90 8.54 5.26
N GLY A 605 -16.35 8.67 6.50
CA GLY A 605 -16.12 9.84 7.31
C GLY A 605 -15.43 9.47 8.59
N TYR A 606 -14.12 9.75 8.67
CA TYR A 606 -13.33 9.45 9.86
C TYR A 606 -13.02 10.72 10.65
N SER A 607 -13.25 11.87 10.01
CA SER A 607 -12.72 13.15 10.45
C SER A 607 -13.13 13.55 11.87
N ARG A 608 -12.11 13.65 12.73
CA ARG A 608 -12.21 14.23 14.08
C ARG A 608 -12.91 13.32 15.08
N LYS A 609 -13.08 12.05 14.71
CA LYS A 609 -13.80 11.12 15.55
C LYS A 609 -12.93 10.54 16.67
N ARG A 610 -13.59 10.15 17.76
CA ARG A 610 -12.94 9.66 18.97
C ARG A 610 -12.03 8.45 18.71
N PHE A 611 -12.42 7.57 17.79
CA PHE A 611 -11.59 6.38 17.50
C PHE A 611 -10.15 6.71 17.06
N ILE A 612 -9.93 7.87 16.47
CA ILE A 612 -8.58 8.29 16.05
C ILE A 612 -7.67 8.40 17.27
N ALA A 613 -8.16 9.07 18.31
CA ALA A 613 -7.38 9.34 19.53
C ALA A 613 -7.07 8.04 20.25
N HIS A 614 -7.99 7.09 20.16
CA HIS A 614 -7.80 5.74 20.67
C HIS A 614 -6.53 5.08 20.12
N CYS A 615 -6.04 5.55 18.96
CA CYS A 615 -4.78 5.05 18.36
C CYS A 615 -3.49 5.61 18.98
N MET A 616 -3.53 6.85 19.49
CA MET A 616 -2.33 7.53 20.00
C MET A 616 -1.78 6.89 21.28
N ASN A 617 -0.45 6.81 21.35
CA ASN A 617 0.27 6.19 22.47
C ASN A 617 0.40 7.04 23.74
N ASP A 618 0.06 8.34 23.63
CA ASP A 618 0.05 9.25 24.79
C ASP A 618 -1.12 10.23 24.68
N ASP A 657 -1.64 23.13 25.91
CA ASP A 657 -3.02 23.10 26.37
C ASP A 657 -3.74 21.86 25.84
N LYS A 658 -4.61 21.28 26.66
CA LYS A 658 -5.46 20.14 26.28
C LYS A 658 -6.43 20.47 25.15
N ASP A 659 -6.86 21.73 25.10
CA ASP A 659 -7.81 22.25 24.11
C ASP A 659 -7.29 22.18 22.66
N GLN A 660 -6.03 22.58 22.47
CA GLN A 660 -5.40 22.57 21.13
C GLN A 660 -4.29 21.52 20.93
N LEU A 661 -4.36 20.42 21.67
CA LEU A 661 -3.42 19.29 21.50
C LEU A 661 -4.10 17.99 21.07
N LEU A 662 -5.27 17.69 21.64
CA LEU A 662 -6.13 16.61 21.14
C LEU A 662 -6.65 17.01 19.76
N TYR A 663 -6.98 18.31 19.63
CA TYR A 663 -7.30 18.95 18.37
C TYR A 663 -6.23 18.63 17.29
N GLN A 664 -4.98 19.04 17.54
CA GLN A 664 -3.86 18.80 16.60
C GLN A 664 -3.68 17.32 16.24
N LYS A 665 -3.71 16.45 17.24
CA LYS A 665 -3.51 15.02 17.07
C LYS A 665 -4.59 14.37 16.20
N ASN A 666 -5.84 14.78 16.43
CA ASN A 666 -6.99 14.27 15.67
C ASN A 666 -6.89 14.68 14.21
N ILE A 667 -6.53 15.94 13.95
CA ILE A 667 -6.30 16.41 12.60
C ILE A 667 -5.16 15.60 11.99
N CYS A 668 -4.06 15.49 12.71
CA CYS A 668 -2.90 14.80 12.19
C CYS A 668 -3.13 13.28 11.99
N GLY A 669 -3.83 12.66 12.92
CA GLY A 669 -4.27 11.28 12.76
C GLY A 669 -5.24 11.03 11.60
N GLY A 670 -6.13 11.99 11.34
CA GLY A 670 -7.05 11.94 10.20
C GLY A 670 -6.32 11.84 8.86
N LEU A 671 -5.25 12.64 8.74
CA LEU A 671 -4.36 12.63 7.58
C LEU A 671 -3.68 11.27 7.35
N ALA A 672 -3.48 10.51 8.41
CA ALA A 672 -2.98 9.16 8.24
C ALA A 672 -4.06 8.29 7.61
N ILE A 673 -5.30 8.47 8.03
CA ILE A 673 -6.40 7.71 7.45
C ILE A 673 -6.62 8.15 5.97
N ALA A 674 -6.50 9.45 5.69
CA ALA A 674 -6.43 9.99 4.31
C ALA A 674 -5.42 9.24 3.43
N SER A 675 -4.26 8.96 4.00
CA SER A 675 -3.19 8.25 3.30
C SER A 675 -3.61 6.83 3.03
N TYR A 676 -4.08 6.15 4.09
CA TYR A 676 -4.57 4.79 4.01
C TYR A 676 -5.73 4.70 3.00
N SER A 677 -6.63 5.67 3.06
CA SER A 677 -7.74 5.78 2.13
C SER A 677 -7.26 5.90 0.70
N TYR A 678 -6.23 6.73 0.47
CA TYR A 678 -5.62 6.85 -0.86
C TYR A 678 -5.12 5.50 -1.45
N TYR A 679 -4.37 4.75 -0.63
CA TYR A 679 -3.86 3.46 -1.08
C TYR A 679 -4.91 2.36 -1.19
N LYS A 680 -5.99 2.50 -0.43
CA LYS A 680 -7.11 1.57 -0.52
C LYS A 680 -8.12 1.99 -1.61
N LYS A 681 -7.88 3.15 -2.20
CA LYS A 681 -8.67 3.70 -3.31
C LYS A 681 -10.10 3.97 -2.92
N VAL A 682 -10.30 4.40 -1.68
CA VAL A 682 -11.60 4.86 -1.19
C VAL A 682 -12.06 5.96 -2.14
N ASP A 683 -13.30 5.89 -2.60
CA ASP A 683 -13.76 6.85 -3.59
C ASP A 683 -14.00 8.26 -3.02
N LEU A 684 -14.66 8.36 -1.87
CA LEU A 684 -14.91 9.66 -1.22
C LEU A 684 -14.56 9.63 0.26
N ILE A 685 -13.79 10.62 0.69
CA ILE A 685 -13.50 10.84 2.12
C ILE A 685 -14.12 12.15 2.59
N ARG A 686 -14.79 12.09 3.74
CA ARG A 686 -15.58 13.19 4.26
C ARG A 686 -14.85 13.88 5.41
N VAL A 687 -14.31 15.07 5.17
CA VAL A 687 -13.36 15.69 6.11
C VAL A 687 -13.69 17.15 6.49
N HIS A 688 -13.28 17.51 7.70
CA HIS A 688 -13.29 18.89 8.18
C HIS A 688 -12.17 19.72 7.57
N ASP A 689 -10.97 19.13 7.47
CA ASP A 689 -9.75 19.84 7.10
C ASP A 689 -9.36 19.66 5.64
N VAL A 690 -10.06 20.38 4.76
CA VAL A 690 -9.93 20.24 3.30
C VAL A 690 -8.51 20.46 2.78
N LEU A 691 -7.87 21.54 3.20
CA LEU A 691 -6.52 21.93 2.73
C LEU A 691 -5.44 20.94 3.14
N GLU A 692 -5.47 20.52 4.40
CA GLU A 692 -4.53 19.55 4.96
C GLU A 692 -4.66 18.22 4.22
N THR A 693 -5.90 17.82 3.97
CA THR A 693 -6.22 16.56 3.30
C THR A 693 -5.77 16.65 1.84
N LYS A 694 -5.98 17.80 1.22
CA LYS A 694 -5.58 18.03 -0.17
C LYS A 694 -4.08 17.94 -0.40
N SER A 695 -3.30 18.44 0.55
CA SER A 695 -1.85 18.46 0.46
C SER A 695 -1.28 17.04 0.55
N VAL A 696 -1.91 16.21 1.39
CA VAL A 696 -1.53 14.81 1.50
C VAL A 696 -1.78 14.11 0.16
N LEU A 697 -2.99 14.24 -0.36
CA LEU A 697 -3.40 13.53 -1.56
C LEU A 697 -2.60 13.94 -2.80
N ASP A 698 -2.28 15.25 -2.90
CA ASP A 698 -1.40 15.79 -3.96
C ASP A 698 -0.02 15.14 -3.91
N VAL A 699 0.57 15.08 -2.72
CA VAL A 699 1.91 14.50 -2.58
C VAL A 699 1.89 13.01 -2.94
N LEU A 700 0.90 12.27 -2.43
CA LEU A 700 0.79 10.82 -2.70
C LEU A 700 0.49 10.54 -4.16
N THR A 701 -0.26 11.43 -4.80
CA THR A 701 -0.49 11.36 -6.23
C THR A 701 0.82 11.58 -7.02
N LYS A 702 1.63 12.57 -6.62
CA LYS A 702 2.89 12.86 -7.31
C LYS A 702 3.85 11.69 -7.24
N ILE A 703 4.04 11.14 -6.04
CA ILE A 703 4.87 9.95 -5.84
C ILE A 703 4.43 8.81 -6.76
N ASP A 704 3.13 8.69 -7.01
CA ASP A 704 2.59 7.66 -7.90
C ASP A 704 2.75 7.93 -9.39
N GLN A 705 2.87 9.20 -9.79
CA GLN A 705 3.06 9.56 -11.18
C GLN A 705 4.46 9.13 -11.64
N VAL A 706 4.55 7.86 -12.07
CA VAL A 706 5.79 7.28 -12.63
C VAL A 706 6.04 7.77 -14.04
N LYS A 707 5.01 8.37 -14.65
CA LYS A 707 4.95 8.82 -16.04
C LYS A 707 6.23 9.52 -16.51
N ASP A 708 6.98 8.79 -17.36
CA ASP A 708 8.29 9.19 -17.89
C ASP A 708 9.28 9.75 -16.85
N GLN B 5 54.74 -28.65 13.93
CA GLN B 5 56.23 -28.65 14.05
C GLN B 5 56.72 -27.43 14.83
N GLU B 6 58.00 -27.11 14.63
CA GLU B 6 58.63 -25.88 15.14
C GLU B 6 58.29 -24.69 14.23
N LEU B 7 57.86 -25.00 13.00
CA LEU B 7 57.40 -24.03 11.98
C LEU B 7 56.25 -23.12 12.44
N ILE B 8 55.56 -23.55 13.50
CA ILE B 8 54.48 -22.77 14.15
C ILE B 8 55.04 -21.50 14.82
N LEU B 9 56.12 -21.65 15.58
CA LEU B 9 56.81 -20.50 16.18
C LEU B 9 57.89 -19.94 15.24
N SER B 10 57.54 -19.83 13.96
CA SER B 10 58.38 -19.20 12.94
C SER B 10 58.23 -17.69 13.04
N GLU B 11 59.34 -17.00 13.28
CA GLU B 11 59.35 -15.55 13.50
C GLU B 11 59.26 -14.67 12.24
N GLU B 12 59.41 -15.30 11.06
CA GLU B 12 59.26 -14.65 9.76
C GLU B 12 57.88 -13.97 9.69
N ASN B 13 57.86 -12.67 9.38
CA ASN B 13 56.61 -11.90 9.31
C ASN B 13 55.72 -12.28 8.11
N LYS B 14 54.47 -12.58 8.43
CA LYS B 14 53.50 -13.15 7.51
C LYS B 14 52.12 -12.53 7.69
N THR B 15 51.31 -12.58 6.63
CA THR B 15 49.95 -12.07 6.67
C THR B 15 48.99 -13.07 6.02
N ASN B 16 47.92 -13.39 6.74
CA ASN B 16 46.91 -14.35 6.30
C ASN B 16 45.48 -13.80 6.39
N ILE B 17 44.57 -14.41 5.62
CA ILE B 17 43.16 -14.00 5.60
C ILE B 17 42.32 -14.92 6.49
N ALA B 18 41.83 -14.34 7.59
CA ALA B 18 41.18 -15.09 8.68
C ALA B 18 39.69 -14.79 8.83
N VAL B 19 38.88 -15.48 8.03
CA VAL B 19 37.42 -15.39 8.08
C VAL B 19 36.90 -16.11 9.34
N LEU B 20 36.15 -15.38 10.17
CA LEU B 20 35.59 -15.93 11.41
C LEU B 20 34.06 -15.88 11.49
N ASN B 21 33.52 -16.24 12.66
CA ASN B 21 32.09 -16.21 13.01
C ASN B 21 32.03 -15.91 14.51
N LEU B 22 31.13 -15.03 14.92
CA LEU B 22 31.01 -14.66 16.33
C LEU B 22 29.57 -14.83 16.79
N GLY B 23 29.35 -15.82 17.64
CA GLY B 23 28.01 -16.18 18.11
C GLY B 23 27.67 -15.67 19.50
N THR B 24 26.36 -15.64 19.78
CA THR B 24 25.82 -15.43 21.12
C THR B 24 24.38 -15.94 21.15
N ASN B 25 23.81 -16.08 22.34
CA ASN B 25 22.41 -16.49 22.53
C ASN B 25 21.65 -15.50 23.41
N ASP B 26 22.40 -14.67 24.15
CA ASP B 26 21.86 -13.56 24.92
C ASP B 26 21.38 -12.45 23.96
N ARG B 27 20.09 -12.14 24.06
CA ARG B 27 19.41 -11.13 23.23
C ARG B 27 19.75 -9.70 23.67
N ARG B 28 19.67 -9.47 24.99
CA ARG B 28 19.71 -8.13 25.57
C ARG B 28 21.08 -7.46 25.46
N ASN B 29 22.12 -8.27 25.32
CA ASN B 29 23.50 -7.75 25.30
C ASN B 29 24.31 -8.16 24.07
N ALA B 30 23.64 -8.71 23.04
CA ALA B 30 24.32 -9.19 21.81
C ALA B 30 25.28 -8.17 21.18
N VAL B 31 24.93 -6.87 21.27
CA VAL B 31 25.77 -5.76 20.83
C VAL B 31 26.98 -5.60 21.77
N LEU B 32 26.71 -5.43 23.06
CA LEU B 32 27.74 -5.30 24.10
C LEU B 32 28.67 -6.53 24.22
N ILE B 33 28.16 -7.70 23.84
CA ILE B 33 28.94 -8.94 23.77
C ILE B 33 29.83 -8.93 22.54
N LEU B 34 29.22 -8.85 21.35
CA LEU B 34 29.94 -9.13 20.11
C LEU B 34 30.88 -8.02 19.66
N GLU B 35 30.63 -6.79 20.12
CA GLU B 35 31.54 -5.67 19.85
C GLU B 35 32.80 -5.75 20.73
N THR B 36 32.62 -6.26 21.96
CA THR B 36 33.71 -6.65 22.86
C THR B 36 34.59 -7.76 22.23
N ALA B 37 33.95 -8.73 21.57
CA ALA B 37 34.66 -9.78 20.81
C ALA B 37 35.56 -9.17 19.72
N LEU B 38 34.95 -8.31 18.89
CA LEU B 38 35.59 -7.64 17.78
C LEU B 38 36.83 -6.82 18.19
N HIS B 39 36.71 -6.07 19.30
CA HIS B 39 37.81 -5.26 19.83
C HIS B 39 39.04 -6.05 20.20
N LEU B 40 38.82 -7.32 20.56
CA LEU B 40 39.88 -8.26 20.92
C LEU B 40 40.33 -9.10 19.73
N VAL B 41 39.44 -9.31 18.76
CA VAL B 41 39.81 -9.88 17.46
C VAL B 41 40.64 -8.85 16.65
N GLU B 42 40.51 -7.57 17.04
CA GLU B 42 41.28 -6.44 16.49
C GLU B 42 42.60 -6.21 17.24
N LYS B 43 42.59 -6.51 18.54
CA LYS B 43 43.77 -6.39 19.40
C LYS B 43 44.77 -7.55 19.22
N TYR B 44 44.26 -8.79 19.24
CA TYR B 44 45.11 -10.00 19.34
C TYR B 44 45.26 -10.86 18.08
N LEU B 45 44.71 -10.42 16.95
CA LEU B 45 44.76 -11.24 15.74
C LEU B 45 45.24 -10.53 14.47
N GLY B 46 44.82 -9.28 14.30
CA GLY B 46 45.20 -8.47 13.13
C GLY B 46 44.24 -7.34 12.91
N LYS B 47 43.67 -7.28 11.71
CA LYS B 47 42.74 -6.20 11.35
C LYS B 47 41.47 -6.73 10.70
N ILE B 48 40.33 -6.29 11.25
CA ILE B 48 39.00 -6.55 10.66
C ILE B 48 38.85 -5.69 9.41
N ILE B 49 38.61 -6.37 8.29
CA ILE B 49 38.54 -5.74 6.96
C ILE B 49 37.24 -6.10 6.22
N ASN B 50 36.37 -6.83 6.93
CA ASN B 50 35.00 -7.10 6.51
C ASN B 50 34.15 -7.56 7.69
N THR B 51 32.88 -7.16 7.69
CA THR B 51 31.86 -7.69 8.60
C THR B 51 30.59 -7.91 7.81
N SER B 52 29.74 -8.81 8.31
CA SER B 52 28.39 -9.00 7.78
C SER B 52 27.44 -8.17 8.65
N TYR B 53 26.16 -8.19 8.34
CA TYR B 53 25.15 -7.65 9.25
C TYR B 53 24.99 -8.57 10.46
N LEU B 54 24.48 -8.02 11.55
CA LEU B 54 24.04 -8.77 12.72
C LEU B 54 22.73 -9.49 12.40
N TYR B 55 22.64 -10.79 12.66
CA TYR B 55 21.38 -11.54 12.41
C TYR B 55 20.78 -12.20 13.65
N GLU B 56 19.46 -12.43 13.62
CA GLU B 56 18.74 -13.24 14.61
C GLU B 56 18.29 -14.51 13.89
N THR B 57 18.72 -15.66 14.39
CA THR B 57 18.53 -16.96 13.70
C THR B 57 17.94 -18.09 14.53
N ASN B 83 27.86 -6.39 33.73
CA ASN B 83 28.66 -5.35 34.36
C ASN B 83 30.14 -5.74 34.47
N TYR B 84 30.39 -7.05 34.42
CA TYR B 84 31.75 -7.63 34.48
C TYR B 84 32.67 -7.07 33.39
N ILE B 85 32.12 -6.94 32.19
CA ILE B 85 32.87 -6.57 30.97
C ILE B 85 33.32 -5.09 31.01
N ASN B 86 32.54 -4.27 31.70
CA ASN B 86 32.86 -2.85 31.93
C ASN B 86 34.18 -2.62 32.70
N GLU B 87 34.56 -3.59 33.53
CA GLU B 87 35.75 -3.51 34.38
C GLU B 87 37.00 -4.12 33.74
N LEU B 88 36.79 -5.23 33.01
CA LEU B 88 37.84 -5.99 32.33
C LEU B 88 38.69 -5.17 31.36
N MET B 89 38.03 -4.26 30.63
CA MET B 89 38.64 -3.49 29.54
C MET B 89 39.75 -2.54 29.99
N GLN B 90 39.68 -2.09 31.24
CA GLN B 90 40.71 -1.22 31.83
C GLN B 90 42.01 -1.99 32.13
N ASN B 91 41.89 -3.29 32.42
CA ASN B 91 43.04 -4.17 32.64
C ASN B 91 43.12 -5.28 31.60
N LEU B 92 43.80 -5.01 30.49
CA LEU B 92 44.02 -5.99 29.42
C LEU B 92 45.49 -6.18 29.10
N GLU B 93 45.83 -7.39 28.68
CA GLU B 93 47.20 -7.77 28.35
C GLU B 93 47.55 -7.31 26.93
N GLU B 94 48.57 -6.45 26.82
CA GLU B 94 49.00 -5.81 25.56
C GLU B 94 49.48 -6.82 24.52
N SER B 95 49.26 -6.51 23.24
CA SER B 95 49.69 -7.39 22.15
C SER B 95 51.14 -7.12 21.74
N LYS B 96 51.79 -8.16 21.21
CA LYS B 96 53.16 -8.07 20.69
C LYS B 96 53.19 -7.49 19.26
N TYR B 97 52.08 -6.88 18.86
CA TYR B 97 51.93 -6.26 17.55
C TYR B 97 51.32 -4.86 17.70
N GLU B 98 51.76 -3.93 16.86
CA GLU B 98 51.32 -2.52 16.90
C GLU B 98 49.95 -2.37 16.26
N GLU B 99 49.07 -1.59 16.92
CA GLU B 99 47.72 -1.31 16.42
C GLU B 99 47.74 -0.13 15.46
N ASN B 100 47.11 -0.31 14.30
CA ASN B 100 47.15 0.69 13.24
C ASN B 100 45.76 1.22 12.87
N LYS B 101 45.45 2.43 13.31
CA LYS B 101 44.22 3.14 12.93
C LYS B 101 44.33 3.85 11.57
N GLU B 102 45.49 3.71 10.92
CA GLU B 102 45.76 4.24 9.57
C GLU B 102 44.76 3.68 8.54
N LEU B 103 44.05 4.58 7.86
CA LEU B 103 43.09 4.18 6.83
C LEU B 103 43.81 3.51 5.68
N ILE B 104 43.16 2.51 5.10
CA ILE B 104 43.61 1.86 3.87
C ILE B 104 42.48 2.01 2.86
N ASP B 105 42.78 1.83 1.58
CA ASP B 105 41.77 1.92 0.52
C ASP B 105 41.67 0.64 -0.31
N LYS B 106 42.64 -0.25 -0.09
CA LYS B 106 42.71 -1.55 -0.75
C LYS B 106 43.42 -2.54 0.16
N CYS B 107 43.29 -3.82 -0.17
CA CYS B 107 44.08 -4.88 0.46
C CYS B 107 44.41 -5.96 -0.56
N GLU B 108 45.71 -6.11 -0.81
CA GLU B 108 46.26 -7.03 -1.81
C GLU B 108 46.05 -8.49 -1.41
N GLU B 109 46.36 -8.80 -0.16
CA GLU B 109 46.18 -10.13 0.43
C GLU B 109 44.72 -10.59 0.40
N TYR B 110 43.81 -9.69 0.81
CA TYR B 110 42.35 -9.93 0.73
C TYR B 110 41.85 -10.10 -0.70
N GLU B 111 42.43 -9.35 -1.64
CA GLU B 111 42.11 -9.47 -3.07
C GLU B 111 42.59 -10.80 -3.67
N THR B 112 43.72 -11.30 -3.15
CA THR B 112 44.28 -12.62 -3.50
C THR B 112 43.37 -13.74 -3.00
N PHE B 113 42.89 -13.58 -1.76
CA PHE B 113 41.96 -14.51 -1.13
C PHE B 113 40.67 -14.77 -1.92
N LEU B 114 39.99 -13.70 -2.35
CA LEU B 114 38.72 -13.80 -3.09
C LEU B 114 38.87 -14.48 -4.46
N LYS B 115 40.01 -14.27 -5.10
CA LYS B 115 40.31 -14.85 -6.41
C LYS B 115 40.88 -16.28 -6.31
N ASN B 116 41.46 -16.59 -5.15
CA ASN B 116 42.23 -17.81 -4.90
C ASN B 116 43.34 -18.02 -5.93
N GLY B 117 44.31 -17.10 -5.90
CA GLY B 117 45.53 -17.20 -6.69
C GLY B 117 46.65 -17.77 -5.84
N LYS B 118 47.88 -17.54 -6.29
CA LYS B 118 49.08 -18.07 -5.61
C LYS B 118 49.36 -17.42 -4.26
N VAL B 119 49.41 -18.27 -3.24
CA VAL B 119 49.78 -17.90 -1.87
C VAL B 119 50.57 -19.08 -1.27
N ASP B 120 51.27 -18.82 -0.16
CA ASP B 120 52.16 -19.80 0.50
C ASP B 120 51.54 -21.17 0.80
N ASN B 121 52.38 -22.20 0.77
CA ASN B 121 52.00 -23.56 1.17
C ASN B 121 51.66 -23.61 2.65
N SER B 122 50.67 -24.45 2.99
CA SER B 122 50.14 -24.57 4.34
C SER B 122 51.15 -25.14 5.33
N ILE B 123 51.16 -24.58 6.55
CA ILE B 123 51.97 -25.07 7.67
C ILE B 123 51.54 -26.48 8.13
N LEU B 124 50.23 -26.69 8.27
CA LEU B 124 49.68 -27.96 8.76
C LEU B 124 49.14 -28.81 7.60
N LYS B 125 49.16 -30.13 7.75
CA LYS B 125 48.89 -31.06 6.64
C LYS B 125 47.49 -30.97 6.02
N GLU B 126 47.46 -30.90 4.70
CA GLU B 126 46.23 -30.76 3.92
C GLU B 126 45.69 -32.10 3.42
N VAL B 127 44.47 -32.44 3.84
CA VAL B 127 43.70 -33.52 3.22
C VAL B 127 43.16 -33.03 1.87
N ASN B 128 43.10 -33.91 0.88
CA ASN B 128 42.59 -33.54 -0.45
C ASN B 128 41.06 -33.34 -0.46
N VAL B 129 40.52 -33.01 -1.64
CA VAL B 129 39.10 -32.68 -1.82
C VAL B 129 38.15 -33.81 -1.37
N GLU B 130 38.45 -35.04 -1.79
CA GLU B 130 37.64 -36.23 -1.42
C GLU B 130 37.84 -36.69 0.04
N ASN B 131 39.08 -36.63 0.54
CA ASN B 131 39.44 -36.93 1.94
C ASN B 131 38.71 -36.07 2.97
N TYR B 132 38.51 -34.80 2.62
CA TYR B 132 37.80 -33.83 3.45
C TYR B 132 36.29 -34.09 3.47
N LEU B 133 35.72 -34.48 2.32
CA LEU B 133 34.27 -34.70 2.15
C LEU B 133 33.68 -35.83 3.00
N LEU B 134 34.37 -36.97 3.06
CA LEU B 134 33.93 -38.12 3.88
C LEU B 134 34.14 -37.90 5.38
N GLU B 135 35.20 -37.18 5.74
CA GLU B 135 35.46 -36.77 7.12
C GLU B 135 34.49 -35.69 7.63
N CYS B 136 33.95 -34.90 6.70
CA CYS B 136 32.92 -33.87 7.00
C CYS B 136 31.58 -34.53 7.34
N ASN B 137 31.15 -35.46 6.50
CA ASN B 137 29.89 -36.22 6.65
C ASN B 137 29.76 -36.92 8.00
N ASN B 138 30.86 -37.49 8.49
CA ASN B 138 30.90 -38.22 9.76
C ASN B 138 30.62 -37.32 10.98
N ILE B 139 31.36 -36.21 11.11
CA ILE B 139 31.21 -35.30 12.27
C ILE B 139 29.82 -34.65 12.32
N ILE B 140 29.17 -34.57 11.15
CA ILE B 140 27.77 -34.14 11.03
C ILE B 140 26.82 -35.24 11.59
N VAL B 141 26.95 -36.47 11.07
CA VAL B 141 26.07 -37.61 11.44
C VAL B 141 26.20 -38.04 12.92
N LYS B 142 27.41 -37.91 13.48
CA LYS B 142 27.67 -38.18 14.92
C LYS B 142 26.91 -37.24 15.84
N ASN B 143 26.83 -35.97 15.45
CA ASN B 143 26.13 -34.92 16.21
C ASN B 143 24.65 -34.81 15.82
N ASP B 144 24.30 -35.36 14.67
CA ASP B 144 22.91 -35.49 14.20
C ASP B 144 22.13 -36.49 15.07
N GLU B 145 22.85 -37.53 15.52
CA GLU B 145 22.30 -38.57 16.40
C GLU B 145 21.98 -38.05 17.81
N ILE B 146 22.84 -37.17 18.34
CA ILE B 146 22.65 -36.59 19.69
C ILE B 146 21.45 -35.65 19.74
N TYR B 162 17.06 -18.02 20.29
CA TYR B 162 17.55 -17.38 19.07
C TYR B 162 19.08 -17.32 19.04
N PHE B 163 19.65 -17.54 17.85
CA PHE B 163 21.10 -17.49 17.61
C PHE B 163 21.45 -16.13 16.97
N TYR B 164 22.42 -15.41 17.54
CA TYR B 164 22.86 -14.10 17.00
C TYR B 164 24.24 -14.09 16.31
N ASN B 165 24.23 -14.32 14.98
CA ASN B 165 25.43 -14.42 14.12
C ASN B 165 26.04 -13.07 13.65
N LEU B 166 27.35 -13.11 13.34
CA LEU B 166 28.16 -11.99 12.81
C LEU B 166 29.53 -12.49 12.36
N THR B 167 29.69 -12.71 11.05
CA THR B 167 31.00 -13.10 10.49
C THR B 167 31.95 -11.91 10.29
N VAL B 168 33.25 -12.19 10.34
CA VAL B 168 34.29 -11.19 10.07
C VAL B 168 35.31 -11.71 9.07
N VAL B 169 36.15 -10.82 8.55
CA VAL B 169 37.35 -11.22 7.82
C VAL B 169 38.52 -10.50 8.48
N VAL B 170 39.53 -11.26 8.89
CA VAL B 170 40.67 -10.67 9.60
C VAL B 170 41.98 -10.80 8.81
N LYS B 171 42.56 -9.66 8.45
CA LYS B 171 43.94 -9.60 7.95
C LYS B 171 44.80 -9.89 9.18
N THR B 172 45.34 -11.12 9.21
CA THR B 172 45.97 -11.67 10.43
C THR B 172 47.48 -11.91 10.36
N PHE B 173 48.14 -11.57 11.46
CA PHE B 173 49.57 -11.83 11.64
C PHE B 173 49.83 -13.23 12.21
N VAL B 174 48.77 -14.00 12.43
CA VAL B 174 48.87 -15.38 12.89
C VAL B 174 49.32 -16.27 11.73
N ASN B 175 50.09 -17.31 12.06
CA ASN B 175 50.75 -18.20 11.08
C ASN B 175 49.85 -19.29 10.52
N ASP B 176 48.96 -19.83 11.37
CA ASP B 176 48.18 -21.05 11.08
C ASP B 176 46.86 -21.09 11.89
N PRO B 177 45.81 -21.76 11.35
CA PRO B 177 44.50 -21.85 12.04
C PRO B 177 44.55 -22.29 13.51
N LEU B 178 45.40 -23.29 13.80
CA LEU B 178 45.54 -23.84 15.17
C LEU B 178 46.18 -22.87 16.15
N SER B 179 47.10 -22.03 15.66
CA SER B 179 47.66 -20.91 16.43
C SER B 179 46.57 -19.88 16.72
N MET B 180 45.69 -19.66 15.75
CA MET B 180 44.58 -18.72 15.87
C MET B 180 43.52 -19.22 16.85
N LEU B 181 43.14 -20.49 16.70
CA LEU B 181 42.18 -21.18 17.57
C LEU B 181 42.60 -21.14 19.06
N VAL B 182 43.92 -21.21 19.31
CA VAL B 182 44.48 -21.09 20.66
C VAL B 182 44.23 -19.69 21.24
N VAL B 183 44.44 -18.67 20.42
CA VAL B 183 44.15 -17.27 20.80
C VAL B 183 42.63 -17.06 20.97
N ILE B 184 41.85 -17.60 20.03
CA ILE B 184 40.38 -17.54 20.05
C ILE B 184 39.79 -18.08 21.37
N LYS B 185 40.16 -19.32 21.73
CA LYS B 185 39.66 -19.97 22.95
C LYS B 185 40.19 -19.28 24.21
N TYR B 186 41.31 -18.59 24.08
CA TYR B 186 41.83 -17.72 25.13
C TYR B 186 41.00 -16.43 25.27
N ILE B 187 40.61 -15.86 24.12
CA ILE B 187 39.72 -14.69 24.09
C ILE B 187 38.36 -15.10 24.69
N GLU B 188 37.81 -16.21 24.20
CA GLU B 188 36.55 -16.79 24.72
C GLU B 188 36.52 -16.84 26.24
N GLU B 189 37.59 -17.37 26.83
CA GLU B 189 37.72 -17.53 28.28
C GLU B 189 37.76 -16.21 29.06
N LEU B 190 38.39 -15.18 28.49
CA LEU B 190 38.45 -13.87 29.14
C LEU B 190 37.11 -13.11 29.13
N MET B 191 36.16 -13.60 28.32
CA MET B 191 34.80 -13.07 28.28
C MET B 191 33.82 -13.86 29.18
N LYS B 192 34.39 -14.71 30.04
CA LYS B 192 33.66 -15.67 30.91
C LYS B 192 32.82 -16.68 30.11
N ILE B 206 28.10 -17.96 26.41
CA ILE B 206 28.16 -16.50 26.21
C ILE B 206 28.66 -16.09 24.80
N ILE B 207 29.56 -16.90 24.23
CA ILE B 207 30.21 -16.62 22.92
C ILE B 207 30.87 -17.86 22.28
N ASP B 208 30.68 -18.05 20.98
CA ASP B 208 31.40 -19.08 20.21
C ASP B 208 32.00 -18.54 18.90
N ILE B 209 33.29 -18.17 18.98
CA ILE B 209 34.08 -17.70 17.84
C ILE B 209 34.71 -18.90 17.14
N ASP B 210 34.45 -19.04 15.84
CA ASP B 210 34.99 -20.14 15.04
C ASP B 210 35.75 -19.63 13.82
N ILE B 211 36.64 -20.46 13.28
CA ILE B 211 37.35 -20.16 12.04
C ILE B 211 36.61 -20.81 10.86
N LEU B 212 36.29 -20.02 9.85
CA LEU B 212 35.46 -20.49 8.74
C LEU B 212 36.26 -20.81 7.48
N PHE B 213 37.25 -19.97 7.19
CA PHE B 213 38.26 -20.27 6.18
C PHE B 213 39.63 -19.87 6.71
N PHE B 214 40.67 -20.36 6.04
CA PHE B 214 42.04 -19.87 6.24
C PHE B 214 42.74 -19.98 4.90
N ASN B 215 42.83 -18.85 4.20
CA ASN B 215 43.21 -18.81 2.77
C ASN B 215 42.40 -19.86 1.98
N ASP B 216 43.06 -20.68 1.18
CA ASP B 216 42.38 -21.76 0.45
C ASP B 216 42.61 -23.16 1.04
N PHE B 217 43.01 -23.19 2.32
CA PHE B 217 43.44 -24.42 3.00
C PHE B 217 42.30 -25.43 3.19
N THR B 218 42.66 -26.70 3.00
CA THR B 218 41.73 -27.81 3.17
C THR B 218 42.33 -28.76 4.22
N ILE B 219 42.18 -28.36 5.49
CA ILE B 219 42.78 -29.07 6.61
C ILE B 219 41.72 -29.75 7.49
N PHE B 220 41.88 -31.06 7.70
CA PHE B 220 41.23 -31.76 8.80
C PHE B 220 42.30 -32.43 9.66
N MET B 221 42.28 -32.11 10.95
CA MET B 221 43.18 -32.70 11.93
C MET B 221 42.33 -33.35 13.02
N LYS B 222 42.54 -34.65 13.25
CA LYS B 222 41.69 -35.46 14.16
C LYS B 222 41.95 -35.19 15.66
N ASN B 223 42.78 -36.01 16.31
CA ASN B 223 43.04 -35.90 17.74
C ASN B 223 44.05 -34.80 18.03
N ILE B 224 43.64 -33.85 18.88
CA ILE B 224 44.53 -32.75 19.32
C ILE B 224 44.47 -32.61 20.84
N LYS B 225 45.63 -32.80 21.46
CA LYS B 225 45.87 -32.40 22.85
C LYS B 225 47.35 -32.08 23.00
N LEU B 226 47.62 -30.92 23.61
CA LEU B 226 48.99 -30.43 23.82
C LEU B 226 49.15 -29.85 25.22
N GLU B 227 50.40 -29.79 25.68
CA GLU B 227 50.74 -29.51 27.08
C GLU B 227 50.32 -28.12 27.57
N LYS B 228 50.28 -27.94 28.90
CA LYS B 228 49.92 -26.68 29.56
C LYS B 228 50.94 -25.54 29.37
N ASN B 229 52.14 -25.90 28.91
CA ASN B 229 53.17 -24.92 28.53
C ASN B 229 53.22 -24.68 27.01
N MET B 230 52.80 -25.68 26.23
CA MET B 230 52.72 -25.61 24.76
C MET B 230 51.69 -24.57 24.30
N ILE B 231 50.54 -24.56 24.97
CA ILE B 231 49.48 -23.54 24.80
C ILE B 231 50.01 -22.15 25.19
N TYR B 232 50.74 -22.08 26.30
CA TYR B 232 51.43 -20.87 26.76
C TYR B 232 52.50 -20.39 25.75
N LYS B 233 53.10 -21.32 25.02
CA LYS B 233 54.14 -21.00 24.02
C LYS B 233 53.60 -20.68 22.61
N ILE B 234 52.28 -20.51 22.52
CA ILE B 234 51.62 -19.86 21.37
C ILE B 234 51.09 -18.49 21.83
N LEU B 235 50.76 -18.39 23.12
CA LEU B 235 50.39 -17.11 23.76
C LEU B 235 51.57 -16.16 24.00
N SER B 236 52.79 -16.70 24.14
CA SER B 236 54.00 -15.88 24.30
C SER B 236 54.43 -15.20 23.01
N LYS B 237 54.20 -15.89 21.89
CA LYS B 237 54.53 -15.42 20.54
C LYS B 237 53.77 -14.16 20.14
N TYR B 238 52.49 -14.10 20.54
CA TYR B 238 51.56 -13.08 20.07
C TYR B 238 51.16 -12.04 21.12
N ILE B 239 51.21 -12.42 22.41
CA ILE B 239 50.77 -11.57 23.53
C ILE B 239 51.84 -11.42 24.62
N HIS B 240 51.96 -10.20 25.16
CA HIS B 240 52.67 -9.93 26.42
C HIS B 240 51.87 -10.61 27.55
N LEU B 241 52.54 -11.40 28.38
CA LEU B 241 51.88 -12.04 29.53
C LEU B 241 52.55 -11.64 30.85
N GLU B 242 51.75 -11.07 31.75
CA GLU B 242 52.23 -10.49 33.01
C GLU B 242 52.10 -11.49 34.16
N PRO B 302 45.38 -16.01 37.10
CA PRO B 302 46.02 -15.75 35.81
C PRO B 302 46.19 -17.01 34.93
N GLN B 303 46.43 -18.17 35.55
CA GLN B 303 46.67 -19.44 34.83
C GLN B 303 45.44 -20.35 34.72
N GLU B 304 44.40 -20.03 35.51
CA GLU B 304 43.09 -20.74 35.57
C GLU B 304 42.49 -21.04 34.19
N ILE B 305 42.78 -20.16 33.23
CA ILE B 305 42.29 -20.21 31.86
C ILE B 305 42.81 -21.44 31.09
N ILE B 306 44.13 -21.65 31.11
CA ILE B 306 44.80 -22.76 30.40
C ILE B 306 44.22 -24.14 30.79
N ASN B 307 43.82 -24.26 32.06
CA ASN B 307 43.19 -25.47 32.63
C ASN B 307 41.91 -25.89 31.90
N ASN B 308 41.07 -24.91 31.56
CA ASN B 308 39.83 -25.16 30.81
C ASN B 308 40.12 -25.37 29.32
N MET B 309 41.19 -24.74 28.84
CA MET B 309 41.59 -24.73 27.44
C MET B 309 42.06 -26.08 26.88
N VAL B 310 42.87 -26.79 27.68
CA VAL B 310 43.69 -27.94 27.23
C VAL B 310 43.02 -28.98 26.31
N ASP B 311 41.77 -29.33 26.62
CA ASP B 311 40.99 -30.28 25.83
C ASP B 311 39.72 -29.66 25.21
N ASN B 312 39.53 -28.34 25.40
CA ASN B 312 38.45 -27.59 24.74
C ASN B 312 38.71 -27.34 23.25
N ILE B 313 39.92 -27.68 22.79
CA ILE B 313 40.23 -27.83 21.36
C ILE B 313 40.55 -29.30 21.13
N GLU B 314 39.53 -30.04 20.70
CA GLU B 314 39.67 -31.46 20.42
C GLU B 314 40.07 -31.70 18.97
N PHE B 315 39.74 -30.74 18.10
CA PHE B 315 39.83 -30.89 16.64
C PHE B 315 40.09 -29.56 15.90
N LEU B 316 40.41 -29.66 14.62
CA LEU B 316 40.60 -28.51 13.73
C LEU B 316 39.96 -28.82 12.36
N SER B 317 39.10 -27.90 11.90
CA SER B 317 38.39 -28.09 10.62
C SER B 317 38.32 -26.82 9.74
N ILE B 318 39.13 -26.84 8.68
CA ILE B 318 39.21 -25.74 7.70
C ILE B 318 38.93 -26.31 6.30
N PRO B 319 37.85 -25.88 5.62
CA PRO B 319 36.83 -24.98 6.16
C PRO B 319 35.99 -25.61 7.28
N HIS B 320 35.18 -24.82 7.97
CA HIS B 320 34.28 -25.34 9.01
C HIS B 320 33.30 -26.35 8.42
N VAL B 321 32.95 -27.37 9.22
CA VAL B 321 32.07 -28.46 8.77
C VAL B 321 30.61 -28.04 8.54
N TYR B 322 30.09 -27.17 9.43
CA TYR B 322 28.68 -26.70 9.35
C TYR B 322 28.41 -25.77 8.16
N THR B 323 29.47 -25.10 7.69
CA THR B 323 29.48 -24.08 6.63
C THR B 323 28.38 -24.14 5.54
N THR B 324 28.23 -25.27 4.86
CA THR B 324 27.23 -25.38 3.78
C THR B 324 25.89 -26.02 4.22
N HIS B 325 25.72 -26.24 5.52
CA HIS B 325 24.51 -26.87 6.07
C HIS B 325 23.69 -25.95 6.98
N ARG B 326 24.38 -25.20 7.85
CA ARG B 326 23.75 -24.18 8.69
C ARG B 326 23.38 -22.94 7.85
N TYR B 327 22.15 -22.45 8.03
CA TYR B 327 21.69 -21.24 7.32
C TYR B 327 22.33 -19.97 7.87
N SER B 328 22.46 -19.89 9.20
CA SER B 328 22.98 -18.70 9.89
C SER B 328 24.35 -18.22 9.38
N ILE B 329 25.09 -19.14 8.76
CA ILE B 329 26.42 -18.86 8.21
C ILE B 329 26.35 -18.45 6.73
N LEU B 330 25.75 -19.28 5.87
CA LEU B 330 25.59 -18.94 4.42
C LEU B 330 24.89 -17.59 4.16
N LEU B 331 24.27 -17.04 5.20
CA LEU B 331 23.54 -15.78 5.16
C LEU B 331 24.48 -14.63 5.53
N CYS B 332 25.32 -14.85 6.54
CA CYS B 332 26.39 -13.96 6.93
C CYS B 332 27.46 -13.83 5.82
N LEU B 333 27.80 -14.95 5.18
CA LEU B 333 28.83 -15.00 4.15
C LEU B 333 28.39 -14.36 2.84
N ASN B 334 27.08 -14.34 2.64
CA ASN B 334 26.44 -13.77 1.45
C ASN B 334 26.60 -12.25 1.45
N ASP B 335 26.70 -11.68 2.65
CA ASP B 335 26.95 -10.27 2.86
C ASP B 335 28.37 -9.87 2.50
N MET B 336 29.32 -10.71 2.94
CA MET B 336 30.74 -10.39 2.88
C MET B 336 31.38 -10.85 1.58
N ILE B 337 31.22 -12.13 1.27
CA ILE B 337 32.02 -12.77 0.22
C ILE B 337 31.16 -13.54 -0.80
N PRO B 338 30.22 -12.84 -1.50
CA PRO B 338 29.27 -13.55 -2.37
C PRO B 338 29.92 -14.33 -3.52
N GLU B 339 30.96 -13.77 -4.14
CA GLU B 339 31.55 -14.39 -5.34
C GLU B 339 32.62 -15.44 -5.04
N TYR B 340 32.97 -15.57 -3.75
CA TYR B 340 33.97 -16.52 -3.26
C TYR B 340 33.59 -17.97 -3.53
N LYS B 341 34.55 -18.75 -4.03
CA LYS B 341 34.36 -20.15 -4.39
C LYS B 341 35.53 -21.04 -3.92
N HIS B 342 35.30 -21.79 -2.84
CA HIS B 342 36.28 -22.76 -2.35
C HIS B 342 36.29 -24.02 -3.22
N ASN B 343 37.43 -24.72 -3.22
CA ASN B 343 37.62 -26.00 -3.91
C ASN B 343 36.75 -27.10 -3.29
N VAL B 344 36.46 -26.94 -1.99
CA VAL B 344 35.55 -27.80 -1.22
C VAL B 344 34.09 -27.66 -1.70
N LEU B 345 33.60 -26.42 -1.77
CA LEU B 345 32.18 -26.14 -2.04
C LEU B 345 31.83 -26.25 -3.53
N ASN B 346 30.59 -26.69 -3.80
CA ASN B 346 30.13 -26.99 -5.16
C ASN B 346 29.89 -25.77 -6.06
N ASN B 347 29.76 -24.59 -5.44
CA ASN B 347 29.55 -23.34 -6.17
C ASN B 347 30.03 -22.12 -5.35
N THR B 348 29.79 -20.92 -5.89
CA THR B 348 30.02 -19.65 -5.20
C THR B 348 29.05 -19.49 -4.01
N ILE B 349 29.50 -18.77 -2.97
CA ILE B 349 28.70 -18.45 -1.77
C ILE B 349 27.29 -17.90 -2.06
N ARG B 350 27.21 -16.96 -3.01
CA ARG B 350 25.93 -16.47 -3.52
C ARG B 350 25.04 -17.64 -3.96
N CYS B 351 25.56 -18.46 -4.88
CA CYS B 351 24.77 -19.55 -5.48
C CYS B 351 24.35 -20.66 -4.52
N LEU B 352 25.18 -20.96 -3.52
CA LEU B 352 24.79 -21.91 -2.47
C LEU B 352 23.73 -21.35 -1.54
N TYR B 353 23.82 -20.05 -1.25
CA TYR B 353 22.80 -19.32 -0.48
C TYR B 353 21.45 -19.26 -1.23
N ASN B 354 21.48 -18.77 -2.47
CA ASN B 354 20.29 -18.64 -3.33
C ASN B 354 19.62 -19.96 -3.73
N LYS B 355 20.35 -21.08 -3.59
CA LYS B 355 19.76 -22.42 -3.70
C LYS B 355 19.07 -22.83 -2.41
N TYR B 356 19.72 -22.63 -1.26
CA TYR B 356 19.14 -22.87 0.08
C TYR B 356 17.79 -22.14 0.30
N VAL B 357 17.71 -20.90 -0.21
CA VAL B 357 16.52 -20.05 -0.13
C VAL B 357 15.35 -20.59 -0.98
N SER B 358 15.60 -20.93 -2.24
CA SER B 358 14.59 -21.52 -3.11
C SER B 358 14.27 -22.98 -2.77
N ARG B 359 15.22 -23.69 -2.14
CA ARG B 359 15.03 -25.07 -1.66
C ARG B 359 14.03 -25.18 -0.52
N MET B 360 14.16 -24.30 0.48
CA MET B 360 13.20 -24.20 1.59
C MET B 360 11.79 -23.81 1.15
N LYS B 361 11.69 -22.95 0.13
CA LYS B 361 10.43 -22.50 -0.46
C LYS B 361 9.75 -23.60 -1.30
N GLU B 362 10.56 -24.35 -2.06
CA GLU B 362 10.08 -25.40 -2.96
C GLU B 362 9.69 -26.67 -2.19
N GLN B 363 10.65 -27.21 -1.43
CA GLN B 363 10.51 -28.47 -0.72
C GLN B 363 9.60 -28.37 0.52
N TYR B 364 10.04 -27.62 1.54
CA TYR B 364 9.35 -27.56 2.86
C TYR B 364 8.27 -26.45 2.96
N ASN B 365 8.18 -25.63 1.91
CA ASN B 365 7.29 -24.44 1.85
C ASN B 365 7.51 -23.44 3.01
N ILE B 366 8.77 -23.05 3.20
CA ILE B 366 9.15 -22.08 4.23
C ILE B 366 9.92 -20.91 3.61
N ASN B 367 9.47 -19.69 3.92
CA ASN B 367 10.29 -18.48 3.74
C ASN B 367 11.25 -18.45 4.94
N ILE B 368 12.50 -18.82 4.68
CA ILE B 368 13.54 -18.94 5.71
C ILE B 368 14.03 -17.57 6.20
N LYS B 369 13.95 -16.56 5.33
CA LYS B 369 14.35 -15.18 5.64
C LYS B 369 13.42 -14.52 6.66
N GLU B 370 12.27 -15.13 6.90
CA GLU B 370 11.22 -14.63 7.80
C GLU B 370 11.56 -14.73 9.30
N ASN B 371 12.28 -15.78 9.68
CA ASN B 371 12.64 -16.02 11.09
C ASN B 371 14.08 -15.62 11.41
N ASN B 372 14.89 -15.47 10.35
CA ASN B 372 16.28 -15.07 10.45
C ASN B 372 16.44 -13.61 10.05
N LYS B 373 16.38 -12.73 11.05
CA LYS B 373 16.20 -11.30 10.82
C LYS B 373 17.50 -10.50 10.84
N ARG B 374 17.64 -9.61 9.84
CA ARG B 374 18.76 -8.67 9.76
C ARG B 374 18.64 -7.56 10.82
N ILE B 375 19.74 -7.29 11.51
CA ILE B 375 19.78 -6.25 12.57
C ILE B 375 20.68 -5.05 12.21
N TYR B 376 20.26 -3.85 12.62
CA TYR B 376 21.11 -2.68 12.61
C TYR B 376 21.16 -2.06 14.01
N VAL B 377 22.30 -1.49 14.37
CA VAL B 377 22.45 -0.93 15.70
C VAL B 377 22.60 0.56 15.58
N LEU B 378 21.76 1.29 16.31
CA LEU B 378 21.89 2.73 16.43
C LEU B 378 22.85 3.12 17.56
N LYS B 379 22.61 2.61 18.76
CA LYS B 379 23.44 2.91 19.94
C LYS B 379 23.88 1.62 20.64
N ASP B 380 23.01 1.12 21.53
CA ASP B 380 23.27 -0.03 22.41
C ASP B 380 22.56 -1.28 21.96
N ARG B 381 21.31 -1.09 21.50
CA ARG B 381 20.32 -2.14 21.33
C ARG B 381 20.24 -2.71 19.92
N ILE B 382 19.77 -3.95 19.83
CA ILE B 382 19.31 -4.59 18.60
C ILE B 382 18.18 -3.74 17.97
N SER B 383 18.12 -3.70 16.63
CA SER B 383 16.99 -3.13 15.88
C SER B 383 16.74 -3.99 14.68
N TYR B 384 15.50 -4.43 14.49
CA TYR B 384 15.19 -5.31 13.38
C TYR B 384 14.98 -4.50 12.11
N LEU B 385 15.78 -4.78 11.08
CA LEU B 385 15.68 -4.10 9.80
C LEU B 385 14.26 -4.18 9.25
N LYS B 386 13.79 -3.04 8.77
CA LYS B 386 12.48 -2.85 8.12
C LYS B 386 11.25 -2.99 9.03
N GLU B 387 11.47 -3.10 10.34
CA GLU B 387 10.37 -3.37 11.28
C GLU B 387 9.84 -2.17 12.06
N LYS B 388 10.43 -0.99 11.88
CA LYS B 388 9.94 0.26 12.49
C LYS B 388 10.41 1.48 11.68
N THR B 389 9.61 2.54 11.69
CA THR B 389 9.99 3.81 11.14
C THR B 389 10.23 4.76 12.30
N ASN B 390 11.48 4.89 12.69
CA ASN B 390 11.86 5.77 13.77
C ASN B 390 11.79 7.23 13.35
N ILE B 391 11.25 8.07 14.23
CA ILE B 391 11.31 9.51 14.07
C ILE B 391 12.68 9.99 14.58
N VAL B 392 13.28 10.92 13.83
CA VAL B 392 14.50 11.58 14.24
C VAL B 392 14.20 13.08 14.28
N GLY B 393 14.30 13.64 15.48
CA GLY B 393 13.99 15.06 15.71
C GLY B 393 15.11 15.98 15.28
N ILE B 394 14.76 17.02 14.54
CA ILE B 394 15.74 18.00 14.12
C ILE B 394 15.86 19.07 15.20
N LEU B 395 17.05 19.18 15.78
CA LEU B 395 17.41 20.34 16.59
C LEU B 395 18.50 21.14 15.89
N ASN B 396 18.08 22.29 15.37
CA ASN B 396 18.94 23.20 14.62
C ASN B 396 19.23 24.42 15.49
N VAL B 397 20.47 24.53 15.98
CA VAL B 397 20.87 25.59 16.94
C VAL B 397 20.95 27.02 16.36
N ASN B 398 20.98 27.14 15.03
CA ASN B 398 20.97 28.43 14.32
C ASN B 398 19.59 29.08 14.38
N VAL B 409 20.90 33.01 19.71
CA VAL B 409 21.21 31.66 20.18
C VAL B 409 21.15 31.63 21.71
N GLU B 410 20.29 30.74 22.25
CA GLU B 410 20.14 30.55 23.70
C GLU B 410 20.05 29.06 24.08
N PRO B 411 21.16 28.49 24.62
CA PRO B 411 21.28 27.07 25.01
C PRO B 411 20.22 26.48 25.97
N LYS B 412 19.53 27.34 26.72
CA LYS B 412 18.42 26.94 27.61
C LYS B 412 17.22 26.45 26.80
N ARG B 413 16.79 27.28 25.85
CA ARG B 413 15.66 27.05 24.95
C ARG B 413 15.83 25.76 24.12
N ALA B 414 17.08 25.43 23.79
CA ALA B 414 17.40 24.29 22.94
C ALA B 414 17.36 22.94 23.67
N VAL B 415 17.80 22.91 24.93
CA VAL B 415 17.70 21.69 25.74
C VAL B 415 16.24 21.45 26.15
N GLN B 416 15.49 22.54 26.33
CA GLN B 416 14.04 22.48 26.48
C GLN B 416 13.37 21.77 25.29
N ARG B 417 13.82 22.13 24.08
CA ARG B 417 13.28 21.57 22.82
C ARG B 417 13.62 20.09 22.66
N MET B 418 14.81 19.70 23.08
CA MET B 418 15.18 18.28 23.04
C MET B 418 14.16 17.44 23.82
N PHE B 419 13.83 17.89 25.05
CA PHE B 419 12.82 17.25 25.90
C PHE B 419 11.42 17.26 25.29
N GLU B 420 10.97 18.44 24.85
CA GLU B 420 9.73 18.59 24.11
C GLU B 420 9.62 17.54 22.98
N MET B 421 10.74 17.22 22.32
CA MET B 421 10.77 16.24 21.23
C MET B 421 10.77 14.78 21.68
N ILE B 422 11.49 14.49 22.77
CA ILE B 422 11.46 13.15 23.41
C ILE B 422 10.03 12.76 23.79
N ASN B 423 9.31 13.69 24.40
CA ASN B 423 7.94 13.45 24.87
C ASN B 423 6.94 13.44 23.72
N GLU B 424 7.30 14.08 22.61
CA GLU B 424 6.47 14.03 21.39
C GLU B 424 6.66 12.74 20.58
N GLY B 425 7.69 11.96 20.91
CA GLY B 425 7.89 10.65 20.28
C GLY B 425 9.17 10.38 19.50
N ALA B 426 10.11 11.33 19.45
CA ALA B 426 11.36 11.13 18.72
C ALA B 426 12.19 10.04 19.35
N SER B 427 12.66 9.08 18.57
CA SER B 427 13.63 8.08 19.04
C SER B 427 15.07 8.66 19.02
N VAL B 428 15.34 9.49 18.01
CA VAL B 428 16.66 10.10 17.80
C VAL B 428 16.49 11.62 17.77
N ILE B 429 17.52 12.33 18.25
CA ILE B 429 17.66 13.78 18.08
C ILE B 429 18.91 14.03 17.22
N ASP B 430 18.72 14.77 16.13
CA ASP B 430 19.79 15.14 15.20
C ASP B 430 20.17 16.59 15.46
N ILE B 431 21.29 16.75 16.15
CA ILE B 431 21.82 18.05 16.56
C ILE B 431 22.77 18.59 15.48
N GLY B 432 22.53 19.81 15.03
CA GLY B 432 23.36 20.43 14.01
C GLY B 432 23.42 21.93 14.07
N GLY B 433 24.65 22.46 13.97
CA GLY B 433 24.91 23.91 13.92
C GLY B 433 25.36 24.40 12.56
N GLU B 434 25.49 23.46 11.61
CA GLU B 434 25.78 23.78 10.21
C GLU B 434 24.85 23.00 9.28
N ILE B 446 30.43 33.14 15.60
CA ILE B 446 29.70 31.96 16.07
C ILE B 446 30.31 30.66 15.55
N SER B 447 31.10 30.01 16.40
CA SER B 447 31.73 28.73 16.06
C SER B 447 30.76 27.56 16.16
N GLU B 448 30.97 26.56 15.31
CA GLU B 448 30.16 25.34 15.28
C GLU B 448 30.21 24.58 16.61
N ARG B 449 31.39 24.44 17.21
CA ARG B 449 31.51 23.75 18.50
C ARG B 449 30.88 24.56 19.64
N ASP B 450 30.91 25.88 19.53
CA ASP B 450 30.26 26.76 20.52
C ASP B 450 28.73 26.69 20.39
N LEU B 451 28.26 26.32 19.20
CA LEU B 451 26.83 26.11 18.96
C LEU B 451 26.36 24.74 19.39
N VAL B 452 27.20 23.71 19.31
CA VAL B 452 26.71 22.34 19.55
C VAL B 452 27.13 21.68 20.87
N VAL B 453 28.37 21.91 21.30
CA VAL B 453 28.97 21.22 22.46
C VAL B 453 28.35 21.62 23.81
N PRO B 454 28.22 22.95 24.10
CA PRO B 454 27.56 23.30 25.39
C PRO B 454 26.08 22.92 25.42
N VAL B 455 25.40 23.03 24.27
CA VAL B 455 23.99 22.60 24.13
C VAL B 455 23.87 21.10 24.41
N LEU B 456 24.87 20.33 24.00
CA LEU B 456 24.90 18.91 24.32
C LEU B 456 25.32 18.64 25.75
N GLN B 457 26.12 19.57 26.31
CA GLN B 457 26.63 19.47 27.69
C GLN B 457 25.52 19.74 28.70
N LEU B 458 24.76 20.80 28.46
CA LEU B 458 23.60 21.15 29.29
C LEU B 458 22.56 20.03 29.27
N PHE B 459 22.33 19.44 28.10
CA PHE B 459 21.45 18.26 27.94
C PHE B 459 21.89 17.10 28.84
N GLN B 460 23.18 16.81 28.85
CA GLN B 460 23.70 15.67 29.59
C GLN B 460 23.65 15.87 31.12
N LYS B 461 23.77 17.14 31.56
CA LYS B 461 23.64 17.47 32.97
C LYS B 461 22.16 17.34 33.39
N GLU B 462 21.28 18.11 32.73
CA GLU B 462 19.85 18.13 33.05
C GLU B 462 19.10 16.81 32.76
N TRP B 463 19.73 15.89 32.01
CA TRP B 463 19.19 14.53 31.84
C TRP B 463 19.39 13.72 33.11
N ASN B 464 20.61 13.73 33.64
CA ASN B 464 20.93 13.04 34.89
C ASN B 464 20.37 13.73 36.15
N ASP B 465 19.84 14.95 35.97
CA ASP B 465 18.97 15.62 36.95
C ASP B 465 17.62 14.90 37.11
N ILE B 466 17.17 14.28 36.02
CA ILE B 466 15.91 13.50 35.89
C ILE B 466 14.66 14.22 36.41
N ASP B 474 16.24 3.49 29.96
CA ASP B 474 15.61 2.74 28.85
C ASP B 474 14.62 3.59 28.01
N ALA B 475 14.57 4.89 28.30
CA ALA B 475 13.81 5.87 27.51
C ALA B 475 14.71 6.96 26.88
N LYS B 476 16.03 6.82 27.06
CA LYS B 476 17.02 7.82 26.63
C LYS B 476 17.11 7.94 25.10
N PRO B 477 16.92 9.17 24.58
CA PRO B 477 17.07 9.40 23.15
C PRO B 477 18.50 9.19 22.67
N ILE B 478 18.60 8.58 21.50
CA ILE B 478 19.84 8.46 20.76
C ILE B 478 20.15 9.83 20.15
N ILE B 479 21.42 10.20 20.16
CA ILE B 479 21.84 11.53 19.73
C ILE B 479 22.74 11.41 18.50
N SER B 480 22.33 12.08 17.42
CA SER B 480 23.19 12.15 16.25
C SER B 480 23.62 13.58 16.01
N ILE B 481 24.88 13.72 15.65
CA ILE B 481 25.44 15.03 15.31
C ILE B 481 25.57 15.20 13.79
N ASP B 482 24.91 16.23 13.29
CA ASP B 482 25.00 16.64 11.90
C ASP B 482 26.25 17.50 11.67
N THR B 483 27.42 16.84 11.63
CA THR B 483 28.70 17.51 11.37
C THR B 483 29.55 16.80 10.29
N ILE B 484 30.45 17.56 9.67
CA ILE B 484 31.49 17.00 8.78
C ILE B 484 32.89 17.31 9.32
N ASN B 485 32.90 18.05 10.43
CA ASN B 485 34.08 18.55 11.12
C ASN B 485 34.61 17.52 12.12
N TYR B 486 35.82 17.03 11.85
CA TYR B 486 36.52 16.05 12.71
C TYR B 486 36.69 16.52 14.17
N ASN B 487 37.10 17.78 14.37
CA ASN B 487 37.36 18.29 15.73
C ASN B 487 36.11 18.38 16.61
N VAL B 488 34.98 18.73 15.99
CA VAL B 488 33.68 18.83 16.66
C VAL B 488 33.21 17.44 17.13
N PHE B 489 33.25 16.48 16.22
CA PHE B 489 32.85 15.11 16.53
C PHE B 489 33.74 14.47 17.58
N LYS B 490 35.06 14.68 17.46
CA LYS B 490 36.06 14.18 18.41
C LYS B 490 35.73 14.63 19.83
N GLU B 491 35.42 15.92 19.96
CA GLU B 491 35.11 16.50 21.25
C GLU B 491 33.82 15.93 21.83
N CYS B 492 32.81 15.78 20.95
CA CYS B 492 31.53 15.22 21.30
C CYS B 492 31.65 13.76 21.78
N VAL B 493 32.42 12.97 21.04
CA VAL B 493 32.66 11.56 21.34
C VAL B 493 33.50 11.32 22.61
N ASP B 494 34.56 12.12 22.79
CA ASP B 494 35.45 12.03 23.96
C ASP B 494 34.79 12.48 25.27
N ASN B 495 33.77 13.33 25.16
CA ASN B 495 32.94 13.76 26.29
C ASN B 495 31.63 12.95 26.41
N ASP B 496 31.52 11.87 25.61
CA ASP B 496 30.31 11.03 25.47
C ASP B 496 28.99 11.82 25.31
N LEU B 497 28.98 12.78 24.38
CA LEU B 497 27.81 13.62 24.15
C LEU B 497 26.94 13.16 22.97
N VAL B 498 27.42 12.19 22.20
CA VAL B 498 26.73 11.74 20.96
C VAL B 498 26.81 10.24 20.76
N ASP B 499 25.90 9.72 19.95
CA ASP B 499 25.91 8.31 19.56
C ASP B 499 26.13 8.08 18.07
N ILE B 500 25.58 8.96 17.23
CA ILE B 500 25.71 8.80 15.78
C ILE B 500 26.40 10.01 15.13
N LEU B 501 27.19 9.73 14.09
CA LEU B 501 27.65 10.76 13.17
C LEU B 501 26.71 10.80 11.97
N ASN B 502 26.11 11.95 11.73
CA ASN B 502 25.38 12.21 10.50
C ASN B 502 26.28 13.04 9.58
N ASP B 503 26.95 12.35 8.66
CA ASP B 503 27.88 12.97 7.72
C ASP B 503 27.26 13.19 6.33
N ILE B 504 26.91 14.43 6.03
CA ILE B 504 26.19 14.73 4.80
C ILE B 504 27.06 14.68 3.54
N SER B 505 28.36 14.47 3.72
CA SER B 505 29.29 14.27 2.62
C SER B 505 29.65 12.81 2.47
N ALA B 506 29.01 11.96 3.29
CA ALA B 506 29.30 10.51 3.36
C ALA B 506 30.77 10.25 3.67
N CYS B 507 31.29 11.07 4.61
CA CYS B 507 32.68 11.00 5.09
C CYS B 507 33.74 11.24 4.00
N THR B 508 33.40 12.04 2.98
CA THR B 508 34.36 12.36 1.90
C THR B 508 35.00 13.72 2.08
N ASN B 509 34.47 14.54 3.00
CA ASN B 509 35.07 15.82 3.36
C ASN B 509 36.38 15.55 4.10
N ASN B 510 36.30 14.66 5.07
CA ASN B 510 37.45 14.24 5.83
C ASN B 510 37.33 12.76 6.16
N PRO B 511 37.78 11.88 5.24
CA PRO B 511 37.72 10.43 5.52
C PRO B 511 38.24 10.03 6.90
N GLU B 512 39.20 10.78 7.44
CA GLU B 512 39.76 10.50 8.77
C GLU B 512 38.72 10.49 9.89
N ILE B 513 37.51 10.99 9.61
CA ILE B 513 36.43 10.99 10.60
C ILE B 513 35.96 9.55 10.95
N ILE B 514 36.19 8.62 10.02
CA ILE B 514 35.94 7.20 10.22
C ILE B 514 36.66 6.64 11.45
N LYS B 515 37.94 7.01 11.61
CA LYS B 515 38.75 6.65 12.78
C LYS B 515 38.00 6.84 14.11
N LEU B 516 37.40 8.02 14.27
CA LEU B 516 36.70 8.42 15.49
C LEU B 516 35.43 7.60 15.84
N LEU B 517 35.01 6.74 14.92
CA LEU B 517 33.82 5.92 15.13
C LEU B 517 34.04 4.73 16.07
N LYS B 518 35.30 4.51 16.44
CA LYS B 518 35.70 3.44 17.36
C LYS B 518 36.73 3.89 18.41
N LYS B 519 36.32 3.87 19.68
CA LYS B 519 37.24 3.92 20.82
C LYS B 519 37.78 2.51 21.12
N LYS B 520 38.40 2.33 22.29
CA LYS B 520 38.94 1.01 22.68
C LYS B 520 37.86 -0.06 22.87
N ASN B 521 36.69 0.35 23.37
CA ASN B 521 35.57 -0.55 23.64
C ASN B 521 34.27 -0.19 22.91
N LYS B 522 34.03 1.09 22.69
CA LYS B 522 32.81 1.53 22.00
C LYS B 522 32.97 1.63 20.47
N PHE B 523 31.93 1.19 19.75
CA PHE B 523 31.71 1.53 18.34
C PHE B 523 30.60 2.59 18.25
N TYR B 524 30.61 3.37 17.17
CA TYR B 524 29.57 4.39 16.90
C TYR B 524 29.00 4.21 15.51
N SER B 525 27.70 4.46 15.37
CA SER B 525 26.99 4.31 14.11
C SER B 525 27.05 5.58 13.23
N VAL B 526 26.81 5.42 11.93
CA VAL B 526 27.01 6.51 10.95
C VAL B 526 25.93 6.58 9.85
N VAL B 527 25.46 7.79 9.59
CA VAL B 527 24.56 8.04 8.46
C VAL B 527 25.43 8.58 7.35
N LEU B 528 25.47 7.85 6.24
CA LEU B 528 26.20 8.28 5.05
C LEU B 528 25.21 8.85 4.06
N MET B 529 25.33 10.14 3.75
CA MET B 529 24.40 10.79 2.80
C MET B 529 25.03 11.14 1.43
N HIS B 530 24.26 10.99 0.35
CA HIS B 530 24.69 11.43 -0.98
C HIS B 530 24.40 12.89 -1.24
N LYS B 531 25.39 13.62 -1.76
CA LYS B 531 25.16 14.96 -2.30
C LYS B 531 26.20 15.29 -3.36
N ARG B 532 26.07 16.47 -3.97
CA ARG B 532 27.09 17.07 -4.80
C ARG B 532 27.15 18.54 -4.46
N GLY B 533 28.35 19.09 -4.38
CA GLY B 533 28.54 20.50 -4.13
C GLY B 533 28.19 20.94 -2.74
N ASN B 534 27.82 22.21 -2.65
CA ASN B 534 27.45 22.84 -1.39
C ASN B 534 26.08 23.48 -1.60
N PRO B 535 25.51 24.17 -0.56
CA PRO B 535 24.19 24.81 -0.73
C PRO B 535 24.12 25.87 -1.85
N HIS B 536 25.25 26.46 -2.22
CA HIS B 536 25.29 27.48 -3.29
C HIS B 536 25.37 26.94 -4.73
N THR B 537 25.88 25.73 -4.92
CA THR B 537 26.04 25.13 -6.26
C THR B 537 25.15 23.92 -6.57
N MET B 538 24.79 23.19 -5.51
CA MET B 538 23.80 22.08 -5.49
C MET B 538 22.76 22.02 -6.62
N ASP B 539 21.88 23.03 -6.65
CA ASP B 539 20.71 23.07 -7.52
C ASP B 539 21.06 22.93 -9.00
N LYS B 540 22.31 23.17 -9.34
CA LYS B 540 22.72 23.12 -10.74
C LYS B 540 23.49 21.84 -11.10
N LEU B 541 23.74 20.98 -10.12
CA LEU B 541 24.60 19.80 -10.25
C LEU B 541 23.79 18.51 -10.38
N THR B 542 23.01 18.48 -11.44
CA THR B 542 21.77 17.74 -11.49
C THR B 542 21.71 16.64 -12.57
N ASN B 543 22.74 16.55 -13.41
CA ASN B 543 22.79 15.49 -14.42
C ASN B 543 23.33 14.19 -13.83
N TYR B 544 22.55 13.14 -14.00
CA TYR B 544 22.97 11.80 -13.63
C TYR B 544 22.84 10.92 -14.85
N ASP B 545 23.73 9.94 -14.95
CA ASP B 545 23.63 8.95 -15.99
C ASP B 545 22.45 8.02 -15.69
N ASN B 546 22.38 7.55 -14.44
CA ASN B 546 21.26 6.79 -13.94
C ASN B 546 21.02 7.17 -12.49
N LEU B 547 20.14 8.15 -12.30
CA LEU B 547 19.82 8.72 -10.98
C LEU B 547 19.76 7.72 -9.82
N VAL B 548 18.80 6.80 -9.86
CA VAL B 548 18.58 5.82 -8.79
C VAL B 548 19.84 4.99 -8.49
N TYR B 549 20.42 4.42 -9.55
CA TYR B 549 21.53 3.47 -9.41
C TYR B 549 22.90 4.09 -9.15
N ASP B 550 23.18 5.26 -9.74
CA ASP B 550 24.39 6.03 -9.44
C ASP B 550 24.46 6.37 -7.95
N ILE B 551 23.35 6.82 -7.39
CA ILE B 551 23.28 7.16 -5.97
C ILE B 551 23.43 5.91 -5.09
N LYS B 552 22.77 4.82 -5.48
CA LYS B 552 22.89 3.55 -4.76
C LYS B 552 24.33 3.02 -4.78
N ASN B 553 24.93 2.97 -5.99
CA ASN B 553 26.32 2.54 -6.16
C ASN B 553 27.28 3.42 -5.37
N TYR B 554 27.06 4.74 -5.42
CA TYR B 554 27.81 5.69 -4.63
C TYR B 554 27.82 5.31 -3.15
N LEU B 555 26.64 5.05 -2.59
CA LEU B 555 26.51 4.76 -1.16
C LEU B 555 27.07 3.38 -0.78
N GLU B 556 26.80 2.37 -1.61
CA GLU B 556 27.40 1.03 -1.46
C GLU B 556 28.93 1.07 -1.40
N GLN B 557 29.55 1.76 -2.38
CA GLN B 557 31.01 1.98 -2.40
C GLN B 557 31.45 2.65 -1.10
N ARG B 558 30.72 3.66 -0.68
CA ARG B 558 31.05 4.35 0.54
C ARG B 558 31.07 3.41 1.75
N LEU B 559 30.03 2.58 1.88
CA LEU B 559 29.97 1.51 2.88
C LEU B 559 31.17 0.55 2.79
N ASN B 560 31.41 -0.02 1.59
CA ASN B 560 32.58 -0.90 1.33
C ASN B 560 33.91 -0.42 1.92
N PHE B 561 34.14 0.89 1.82
CA PHE B 561 35.31 1.53 2.34
C PHE B 561 35.29 1.54 3.87
N LEU B 562 34.17 1.96 4.47
CA LEU B 562 33.99 1.98 5.94
C LEU B 562 34.17 0.58 6.52
N VAL B 563 33.70 -0.41 5.76
CA VAL B 563 33.76 -1.81 6.14
C VAL B 563 35.21 -2.31 6.11
N LEU B 564 35.86 -2.16 4.94
CA LEU B 564 37.30 -2.41 4.80
C LEU B 564 38.17 -1.85 5.94
N ASN B 565 37.73 -0.74 6.52
CA ASN B 565 38.43 -0.10 7.62
C ASN B 565 37.86 -0.44 9.00
N GLY B 566 37.11 -1.55 9.07
CA GLY B 566 36.64 -2.08 10.35
C GLY B 566 35.51 -1.35 11.06
N ILE B 567 34.75 -0.54 10.32
CA ILE B 567 33.44 -0.07 10.75
C ILE B 567 32.45 -1.22 10.50
N PRO B 568 31.71 -1.67 11.54
CA PRO B 568 30.84 -2.84 11.42
C PRO B 568 29.68 -2.53 10.52
N ARG B 569 29.43 -3.40 9.54
CA ARG B 569 28.43 -3.16 8.52
C ARG B 569 27.08 -2.69 9.11
N TYR B 570 26.55 -3.46 10.07
CA TYR B 570 25.27 -3.22 10.72
C TYR B 570 25.13 -1.86 11.44
N ARG B 571 26.16 -1.02 11.38
CA ARG B 571 26.10 0.33 11.99
C ARG B 571 26.08 1.46 10.97
N ILE B 572 26.03 1.09 9.68
CA ILE B 572 26.08 2.05 8.57
C ILE B 572 24.68 2.25 7.99
N LEU B 573 24.20 3.49 8.04
CA LEU B 573 22.91 3.86 7.46
C LEU B 573 23.06 4.60 6.10
N PHE B 574 22.12 4.34 5.19
CA PHE B 574 22.09 4.95 3.85
C PHE B 574 21.16 6.12 3.86
N ASP B 575 21.56 7.21 3.19
CA ASP B 575 20.69 8.35 2.95
C ASP B 575 20.93 8.89 1.55
N ILE B 576 19.84 8.91 0.80
CA ILE B 576 19.82 9.33 -0.59
C ILE B 576 19.99 10.83 -0.78
N GLY B 577 19.88 11.60 0.30
CA GLY B 577 20.00 13.06 0.28
C GLY B 577 18.99 13.75 -0.61
N LEU B 578 17.70 13.61 -0.28
CA LEU B 578 16.63 14.34 -0.96
C LEU B 578 16.88 15.84 -1.03
N GLY B 579 16.77 16.42 -2.23
CA GLY B 579 17.00 17.86 -2.45
C GLY B 579 18.44 18.35 -2.49
N PHE B 580 19.41 17.45 -2.31
CA PHE B 580 20.82 17.80 -2.32
C PHE B 580 21.35 17.45 -3.71
N ALA B 581 21.42 18.44 -4.60
CA ALA B 581 21.82 18.23 -6.00
C ALA B 581 20.85 17.30 -6.75
N LYS B 582 19.58 17.48 -6.44
CA LYS B 582 18.47 16.81 -7.13
C LYS B 582 17.41 17.83 -7.48
N LYS B 583 16.87 17.73 -8.69
CA LYS B 583 15.69 18.51 -9.02
C LYS B 583 14.47 17.89 -8.37
N HIS B 584 13.40 18.66 -8.25
CA HIS B 584 12.19 18.18 -7.59
C HIS B 584 11.66 16.86 -8.16
N ASP B 585 11.56 16.76 -9.50
CA ASP B 585 11.16 15.51 -10.15
C ASP B 585 12.16 14.36 -9.91
N GLN B 586 13.41 14.73 -9.60
CA GLN B 586 14.45 13.76 -9.24
C GLN B 586 14.32 13.24 -7.80
N SER B 587 14.01 14.14 -6.87
CA SER B 587 13.72 13.78 -5.48
C SER B 587 12.51 12.85 -5.39
N ILE B 588 11.45 13.17 -6.14
CA ILE B 588 10.29 12.29 -6.26
C ILE B 588 10.71 10.92 -6.81
N LYS B 589 11.49 10.90 -7.88
CA LYS B 589 11.92 9.64 -8.52
C LYS B 589 12.70 8.72 -7.57
N LEU B 590 13.49 9.34 -6.70
CA LEU B 590 14.27 8.62 -5.70
C LEU B 590 13.33 7.93 -4.70
N LEU B 591 12.22 8.60 -4.38
CA LEU B 591 11.22 8.05 -3.47
C LEU B 591 10.43 6.96 -4.15
N GLN B 592 10.02 7.22 -5.41
CA GLN B 592 9.40 6.21 -6.30
C GLN B 592 10.15 4.89 -6.26
N ASN B 593 11.47 4.97 -6.19
CA ASN B 593 12.34 3.83 -6.30
C ASN B 593 13.09 3.53 -5.01
N ILE B 594 12.46 3.85 -3.88
CA ILE B 594 13.08 3.65 -2.57
C ILE B 594 13.35 2.16 -2.23
N HIS B 595 12.65 1.23 -2.93
CA HIS B 595 12.70 -0.23 -2.71
C HIS B 595 14.08 -0.80 -2.97
N VAL B 596 14.80 -0.10 -3.82
CA VAL B 596 16.19 -0.33 -4.10
C VAL B 596 17.06 -0.45 -2.81
N TYR B 597 16.58 0.08 -1.67
CA TYR B 597 17.27 0.01 -0.35
C TYR B 597 16.66 -1.01 0.64
N ASP B 598 15.87 -1.98 0.15
CA ASP B 598 15.22 -3.01 0.99
C ASP B 598 16.16 -3.92 1.82
N GLU B 599 17.43 -4.04 1.37
CA GLU B 599 18.43 -4.84 2.10
C GLU B 599 19.19 -4.02 3.15
N TYR B 600 18.97 -2.69 3.16
CA TYR B 600 19.82 -1.75 3.89
C TYR B 600 19.08 -0.90 4.92
N PRO B 601 19.77 -0.47 6.00
CA PRO B 601 19.18 0.52 6.92
C PRO B 601 19.13 1.88 6.24
N LEU B 602 17.93 2.46 6.22
CA LEU B 602 17.64 3.64 5.44
C LEU B 602 17.21 4.78 6.32
N PHE B 603 17.91 5.90 6.16
CA PHE B 603 17.64 7.15 6.86
C PHE B 603 17.31 8.16 5.76
N ILE B 604 16.20 8.88 5.87
CA ILE B 604 15.82 9.91 4.86
C ILE B 604 15.30 11.21 5.50
N GLY B 605 15.44 12.30 4.77
CA GLY B 605 15.07 13.63 5.23
C GLY B 605 14.33 14.38 4.14
N TYR B 606 13.02 14.48 4.30
CA TYR B 606 12.17 15.16 3.35
C TYR B 606 11.70 16.51 3.91
N SER B 607 11.71 16.60 5.24
CA SER B 607 11.03 17.66 5.97
C SER B 607 11.32 19.09 5.49
N ARG B 608 10.23 19.75 5.09
CA ARG B 608 10.22 21.17 4.70
C ARG B 608 10.94 21.53 3.43
N LYS B 609 11.42 20.53 2.70
CA LYS B 609 12.22 20.76 1.51
C LYS B 609 11.37 21.21 0.35
N ARG B 610 11.98 21.94 -0.56
CA ARG B 610 11.30 22.59 -1.65
C ARG B 610 10.50 21.64 -2.53
N PHE B 611 10.92 20.39 -2.65
CA PHE B 611 10.22 19.43 -3.52
C PHE B 611 8.79 19.06 -3.08
N ILE B 612 8.49 19.17 -1.77
CA ILE B 612 7.15 18.94 -1.25
C ILE B 612 6.19 19.92 -1.92
N ALA B 613 6.57 21.20 -1.95
CA ALA B 613 5.75 22.29 -2.53
C ALA B 613 5.47 22.09 -4.02
N HIS B 614 6.44 21.51 -4.73
CA HIS B 614 6.36 21.16 -6.14
C HIS B 614 5.23 20.16 -6.44
N CYS B 615 4.89 19.31 -5.46
CA CYS B 615 3.77 18.36 -5.61
C CYS B 615 2.37 18.99 -5.61
N MET B 616 2.24 20.20 -5.07
CA MET B 616 0.94 20.86 -4.85
C MET B 616 0.44 21.58 -6.09
N ASN B 617 -0.87 21.53 -6.31
CA ASN B 617 -1.55 22.15 -7.47
C ASN B 617 -2.12 23.55 -7.19
N ASP B 618 -2.69 24.16 -8.25
CA ASP B 618 -3.35 25.47 -8.18
C ASP B 618 -4.48 25.55 -9.21
N ASP B 657 0.66 35.72 4.70
CA ASP B 657 -0.48 34.87 4.38
C ASP B 657 -0.23 34.02 3.12
N LYS B 658 0.52 34.58 2.17
CA LYS B 658 1.03 33.87 1.00
C LYS B 658 2.09 32.85 1.42
N ASP B 659 2.97 33.27 2.34
CA ASP B 659 4.03 32.42 2.91
C ASP B 659 3.56 31.57 4.09
N GLN B 660 2.38 31.91 4.63
CA GLN B 660 1.80 31.23 5.79
C GLN B 660 1.02 29.97 5.39
N LEU B 661 0.30 30.05 4.26
CA LEU B 661 -0.41 28.89 3.68
C LEU B 661 0.58 27.80 3.25
N LEU B 662 1.69 28.24 2.65
CA LEU B 662 2.74 27.34 2.18
C LEU B 662 3.53 26.69 3.31
N TYR B 663 3.51 27.28 4.50
CA TYR B 663 4.06 26.67 5.71
C TYR B 663 3.18 25.51 6.17
N GLN B 664 1.85 25.69 6.09
CA GLN B 664 0.88 24.66 6.44
C GLN B 664 0.95 23.47 5.48
N LYS B 665 0.94 23.77 4.17
CA LYS B 665 1.01 22.77 3.12
C LYS B 665 2.30 21.95 3.18
N ASN B 666 3.39 22.59 3.58
CA ASN B 666 4.66 21.91 3.69
C ASN B 666 4.71 20.85 4.78
N ILE B 667 4.17 21.16 5.96
CA ILE B 667 4.08 20.21 7.04
C ILE B 667 3.13 19.07 6.68
N CYS B 668 1.98 19.42 6.10
CA CYS B 668 0.96 18.44 5.77
C CYS B 668 1.41 17.52 4.63
N GLY B 669 2.01 18.12 3.59
CA GLY B 669 2.65 17.39 2.50
C GLY B 669 3.74 16.45 2.99
N GLY B 670 4.44 16.86 4.05
CA GLY B 670 5.44 16.03 4.72
C GLY B 670 4.85 14.76 5.30
N LEU B 671 3.63 14.86 5.82
CA LEU B 671 2.97 13.74 6.49
C LEU B 671 2.57 12.66 5.50
N ALA B 672 2.26 13.10 4.27
CA ALA B 672 2.09 12.16 3.16
C ALA B 672 3.36 11.31 2.97
N ILE B 673 4.53 11.96 3.01
CA ILE B 673 5.81 11.26 2.81
C ILE B 673 6.16 10.36 4.00
N ALA B 674 5.72 10.72 5.21
CA ALA B 674 5.82 9.85 6.39
C ALA B 674 4.95 8.58 6.24
N SER B 675 3.74 8.76 5.73
CA SER B 675 2.88 7.64 5.38
C SER B 675 3.55 6.72 4.36
N TYR B 676 4.04 7.33 3.28
CA TYR B 676 4.74 6.60 2.21
C TYR B 676 5.92 5.83 2.80
N SER B 677 6.76 6.53 3.57
CA SER B 677 7.90 5.98 4.31
C SER B 677 7.53 4.84 5.24
N TYR B 678 6.41 5.00 5.96
CA TYR B 678 5.87 3.94 6.79
C TYR B 678 5.60 2.65 6.00
N TYR B 679 4.96 2.77 4.84
CA TYR B 679 4.56 1.62 4.03
C TYR B 679 5.70 1.03 3.26
N LYS B 680 6.73 1.85 3.02
CA LYS B 680 7.93 1.39 2.36
C LYS B 680 8.96 0.91 3.37
N LYS B 681 8.57 0.92 4.65
CA LYS B 681 9.37 0.41 5.76
C LYS B 681 10.74 1.11 5.93
N VAL B 682 10.77 2.42 5.65
CA VAL B 682 11.97 3.24 5.82
C VAL B 682 12.33 3.24 7.31
N ASP B 683 13.60 3.01 7.61
CA ASP B 683 14.00 2.82 9.01
C ASP B 683 14.02 4.10 9.86
N LEU B 684 14.55 5.19 9.32
CA LEU B 684 14.55 6.46 10.04
C LEU B 684 14.14 7.62 9.14
N ILE B 685 13.30 8.48 9.68
CA ILE B 685 12.90 9.71 9.01
C ILE B 685 13.27 10.93 9.87
N ARG B 686 13.83 11.94 9.21
CA ARG B 686 14.39 13.11 9.87
C ARG B 686 13.43 14.29 9.70
N VAL B 687 12.75 14.66 10.79
CA VAL B 687 11.62 15.57 10.69
C VAL B 687 11.70 16.74 11.67
N HIS B 688 11.08 17.85 11.30
CA HIS B 688 10.94 19.01 12.16
C HIS B 688 9.73 18.82 13.09
N ASP B 689 8.59 18.42 12.51
CA ASP B 689 7.32 18.34 13.22
C ASP B 689 7.08 16.94 13.82
N VAL B 690 7.69 16.69 14.98
CA VAL B 690 7.71 15.39 15.64
C VAL B 690 6.33 14.88 16.08
N LEU B 691 5.55 15.74 16.73
CA LEU B 691 4.23 15.36 17.23
C LEU B 691 3.27 14.96 16.09
N GLU B 692 3.36 15.66 14.98
CA GLU B 692 2.45 15.43 13.85
C GLU B 692 2.80 14.08 13.18
N THR B 693 4.10 13.84 12.99
CA THR B 693 4.63 12.61 12.40
C THR B 693 4.32 11.39 13.30
N LYS B 694 4.53 11.54 14.61
CA LYS B 694 4.16 10.51 15.59
C LYS B 694 2.68 10.13 15.56
N SER B 695 1.81 11.12 15.35
CA SER B 695 0.37 10.93 15.26
C SER B 695 0.02 10.10 14.05
N VAL B 696 0.58 10.50 12.90
CA VAL B 696 0.45 9.77 11.65
C VAL B 696 0.93 8.32 11.80
N LEU B 697 2.15 8.14 12.30
CA LEU B 697 2.73 6.78 12.46
C LEU B 697 1.93 5.90 13.42
N ASP B 698 1.38 6.50 14.48
CA ASP B 698 0.57 5.77 15.44
C ASP B 698 -0.72 5.19 14.82
N VAL B 699 -1.44 6.03 14.06
CA VAL B 699 -2.67 5.63 13.40
C VAL B 699 -2.42 4.52 12.37
N LEU B 700 -1.38 4.69 11.55
CA LEU B 700 -1.02 3.71 10.55
C LEU B 700 -0.61 2.38 11.20
N THR B 701 0.09 2.46 12.33
CA THR B 701 0.55 1.29 13.06
C THR B 701 -0.68 0.52 13.56
N LYS B 702 -1.66 1.25 14.10
CA LYS B 702 -2.90 0.65 14.62
C LYS B 702 -3.69 -0.10 13.56
N ILE B 703 -3.81 0.51 12.39
CA ILE B 703 -4.49 -0.11 11.27
C ILE B 703 -3.85 -1.45 10.86
N ASP B 704 -2.51 -1.54 10.94
CA ASP B 704 -1.75 -2.77 10.66
C ASP B 704 -1.74 -3.81 11.77
N GLN B 705 -2.06 -3.38 13.00
CA GLN B 705 -2.09 -4.25 14.16
C GLN B 705 -3.31 -5.16 14.07
N VAL B 706 -3.14 -6.27 13.37
CA VAL B 706 -4.20 -7.28 13.19
C VAL B 706 -3.95 -8.50 14.08
N LYS B 707 -4.95 -8.87 14.90
CA LYS B 707 -4.84 -10.03 15.80
C LYS B 707 -4.71 -11.37 15.06
N ASP B 708 -5.75 -11.71 14.29
CA ASP B 708 -5.84 -12.96 13.55
C ASP B 708 -5.53 -12.71 12.06
N PRO B 709 -4.35 -13.18 11.58
CA PRO B 709 -3.85 -12.94 10.21
C PRO B 709 -4.65 -13.57 9.08
N ASN B 710 -5.48 -14.57 9.40
CA ASN B 710 -6.32 -15.21 8.39
C ASN B 710 -7.81 -15.13 8.71
N SER B 711 -8.16 -14.24 9.64
CA SER B 711 -9.57 -13.98 9.96
C SER B 711 -10.36 -13.24 8.89
N SER B 712 -9.71 -12.55 7.96
CA SER B 712 -10.45 -11.92 6.87
C SER B 712 -11.10 -12.97 5.97
N SER B 713 -10.39 -14.07 5.67
CA SER B 713 -10.94 -15.17 4.85
C SER B 713 -11.90 -16.08 5.62
N VAL B 714 -11.57 -16.35 6.89
CA VAL B 714 -12.47 -17.07 7.80
C VAL B 714 -13.82 -16.35 7.89
N ASP B 715 -13.78 -15.05 8.17
CA ASP B 715 -14.99 -14.24 8.32
C ASP B 715 -15.76 -14.14 7.02
N LYS B 716 -15.03 -14.08 5.91
CA LYS B 716 -15.62 -14.10 4.57
C LYS B 716 -16.39 -15.40 4.31
N LEU B 717 -15.77 -16.53 4.68
CA LEU B 717 -16.40 -17.82 4.50
C LEU B 717 -17.64 -18.00 5.36
N ALA B 718 -17.61 -17.50 6.60
CA ALA B 718 -18.77 -17.57 7.50
C ALA B 718 -19.99 -16.86 6.95
N ALA B 719 -19.79 -15.72 6.29
CA ALA B 719 -20.86 -14.94 5.71
C ALA B 719 -21.49 -15.63 4.49
N ALA B 720 -20.66 -16.34 3.73
CA ALA B 720 -21.10 -17.05 2.53
C ALA B 720 -21.84 -18.36 2.84
N LEU B 721 -21.66 -18.88 4.05
CA LEU B 721 -22.45 -20.04 4.50
C LEU B 721 -23.69 -19.52 5.25
N GLU B 722 -24.06 -18.27 4.92
CA GLU B 722 -25.00 -17.39 5.64
C GLU B 722 -25.14 -17.65 7.14
O3 XTZ C . -19.29 9.08 8.94
C16 XTZ C . -20.21 9.74 8.42
N2 XTZ C . -20.69 9.41 7.22
C3 XTZ C . -20.80 10.91 9.11
N4 XTZ C . -20.40 11.34 10.34
C4 XTZ C . -21.00 12.42 10.91
C15 XTZ C . -22.10 13.20 10.23
N8 XTZ C . -22.47 12.69 8.92
C2 XTZ C . -21.88 11.63 8.37
N3 XTZ C . -22.26 11.17 7.14
C1 XTZ C . -21.67 10.08 6.60
N1 XTZ C . -22.06 9.64 5.38
C5 XTZ C . -20.58 12.93 12.27
N5 XTZ C . -21.07 12.06 13.34
C6 XTZ C . -20.26 11.57 14.34
C14 XTZ C . -19.32 12.43 14.92
C13 XTZ C . -18.49 11.97 15.92
C9 XTZ C . -18.56 10.65 16.37
C8 XTZ C . -19.50 9.77 15.80
C7 XTZ C . -20.35 10.24 14.79
S1 XTZ C . -17.55 10.19 17.55
O1 XTZ C . -16.19 10.19 17.16
O2 XTZ C . -17.87 8.84 17.93
N6 XTZ C . -17.71 11.23 18.78
C10 XTZ C . -17.14 12.48 18.90
S2 XTZ C . -16.95 13.32 20.41
C12 XTZ C . -16.22 14.71 19.66
C11 XTZ C . -16.18 14.45 18.29
N7 XTZ C . -16.68 13.23 17.87
N1 PH2 D . -22.73 -2.76 -29.59
C2 PH2 D . -22.48 -3.09 -30.90
C3 PH2 D . -21.10 -3.54 -31.36
N4 PH2 D . -20.11 -3.56 -30.27
N5 PH2 D . -19.44 -3.25 -28.06
C6 PH2 D . -19.70 -2.91 -26.77
N6 PH2 D . -18.71 -2.96 -25.87
N7 PH2 D . -20.93 -2.53 -26.37
C8 PH2 D . -21.97 -2.44 -27.22
O8 PH2 D . -23.09 -2.09 -26.79
C9 PH2 D . -21.76 -2.81 -28.65
C10 PH2 D . -20.39 -3.21 -29.02
C11 PH2 D . -23.57 -3.05 -31.96
O4 PH2 D . -24.79 -2.48 -31.48
C1 GOL E . -21.64 16.29 12.38
O1 GOL E . -22.91 16.75 11.84
C2 GOL E . -20.39 16.78 11.60
O2 GOL E . -20.12 16.09 10.37
C3 GOL E . -19.14 16.68 12.46
O3 GOL E . -18.53 15.43 12.12
PG ATP F . -26.94 -5.61 -31.94
O1G ATP F . -26.74 -4.43 -31.01
O2G ATP F . -28.37 -6.13 -31.98
O3G ATP F . -25.89 -6.68 -31.83
PB ATP F . -27.19 -3.63 -34.03
O1B ATP F . -26.26 -2.53 -33.63
O2B ATP F . -27.47 -3.83 -35.49
O3B ATP F . -26.68 -5.05 -33.45
PA ATP F . -29.72 -2.45 -33.94
O1A ATP F . -29.04 -1.35 -34.72
O2A ATP F . -30.74 -2.11 -32.87
O3A ATP F . -28.57 -3.35 -33.26
O5' ATP F . -30.39 -3.48 -35.00
C5' ATP F . -30.31 -4.90 -34.84
C4' ATP F . -31.57 -5.59 -35.32
O4' ATP F . -31.56 -6.89 -34.79
C3' ATP F . -32.84 -4.97 -34.75
O3' ATP F . -33.31 -3.91 -35.57
C2' ATP F . -33.80 -6.13 -34.69
O2' ATP F . -34.58 -6.19 -35.87
C1' ATP F . -32.90 -7.34 -34.61
N9 ATP F . -33.07 -8.04 -33.31
C8 ATP F . -33.30 -9.36 -33.22
N7 ATP F . -33.43 -9.73 -31.92
C5 ATP F . -33.28 -8.65 -31.16
C6 ATP F . -33.30 -8.34 -29.71
N6 ATP F . -33.50 -9.30 -28.79
N1 ATP F . -33.09 -7.06 -29.33
C2 ATP F . -32.88 -6.07 -30.22
N3 ATP F . -32.85 -6.29 -31.54
C4 ATP F . -33.03 -7.52 -32.08
MG MG G . -28.95 -3.46 -30.96
CA CA H . -43.37 3.17 -15.08
C ACT I . -26.41 -4.64 11.92
O ACT I . -26.65 -3.54 12.46
OXT ACT I . -26.28 -5.68 12.57
CH3 ACT I . -26.24 -4.76 10.44
C ACT J . -54.68 0.07 -19.43
O ACT J . -53.85 0.97 -19.63
OXT ACT J . -55.46 -0.30 -20.34
CH3 ACT J . -54.73 -0.57 -18.07
MG MG K . -25.46 -3.22 -28.68
O3 XTZ L . 18.32 14.92 4.12
C16 XTZ L . 19.16 15.01 5.05
N2 XTZ L . 19.78 13.91 5.53
C3 XTZ L . 19.49 16.33 5.63
N4 XTZ L . 18.92 17.46 5.20
C4 XTZ L . 19.22 18.68 5.74
C15 XTZ L . 20.22 18.82 6.86
N8 XTZ L . 20.80 17.53 7.26
C2 XTZ L . 20.48 16.34 6.71
N3 XTZ L . 21.03 15.17 7.12
C1 XTZ L . 20.68 14.00 6.53
N1 XTZ L . 21.25 12.83 6.94
C5 XTZ L . 18.56 19.92 5.20
N5 XTZ L . 19.06 20.29 3.86
C6 XTZ L . 18.27 20.84 2.87
C14 XTZ L . 17.33 21.85 3.17
C13 XTZ L . 16.53 22.40 2.16
C9 XTZ L . 16.65 21.96 0.83
C8 XTZ L . 17.59 20.96 0.52
C7 XTZ L . 18.39 20.41 1.52
S1 XTZ L . 15.72 22.62 -0.30
O1 XTZ L . 14.88 23.61 0.32
O2 XTZ L . 14.91 21.61 -0.90
N6 XTZ L . 16.58 23.30 -1.49
C10 XTZ L . 17.66 24.12 -1.39
S2 XTZ L . 18.20 24.99 0.02
C12 XTZ L . 19.53 25.72 -0.84
C11 XTZ L . 19.47 25.26 -2.17
N7 XTZ L . 18.44 24.39 -2.47
C1 GOL M . 15.57 22.83 7.18
O1 GOL M . 14.99 22.70 5.87
C2 GOL M . 16.64 21.74 7.39
O2 GOL M . 16.07 20.44 7.23
C3 GOL M . 17.29 21.79 8.77
O3 GOL M . 17.92 20.52 8.99
CA CA N . 44.85 -4.67 14.79
C ACT O . 27.03 10.86 -8.39
O ACT O . 26.90 11.98 -7.87
OXT ACT O . 27.04 10.71 -9.64
CH3 ACT O . 27.18 9.66 -7.51
C ACT P . 42.24 15.61 10.41
O ACT P . 41.42 16.47 10.03
OXT ACT P . 42.50 14.62 9.70
CH3 ACT P . 42.89 15.76 11.75
MG MG Q . 32.81 -23.98 17.89
#